data_425D
# 
_entry.id   425D 
# 
_audit_conform.dict_name       mmcif_pdbx.dic 
_audit_conform.dict_version    5.389 
_audit_conform.dict_location   http://mmcif.pdb.org/dictionaries/ascii/mmcif_pdbx.dic 
# 
loop_
_database_2.database_id 
_database_2.database_code 
_database_2.pdbx_database_accession 
_database_2.pdbx_DOI 
PDB   425D         pdb_0000425d 10.2210/pdb425d/pdb 
RCSB  BD0003       ?            ?                   
WWPDB D_1000179223 ?            ?                   
# 
loop_
_pdbx_audit_revision_history.ordinal 
_pdbx_audit_revision_history.data_content_type 
_pdbx_audit_revision_history.major_revision 
_pdbx_audit_revision_history.minor_revision 
_pdbx_audit_revision_history.revision_date 
1 'Structure model' 1 0 1999-10-14 
2 'Structure model' 1 1 2008-05-22 
3 'Structure model' 1 2 2011-07-13 
4 'Structure model' 1 3 2024-02-28 
5 'Structure model' 1 4 2024-04-03 
# 
_pdbx_audit_revision_details.ordinal             1 
_pdbx_audit_revision_details.revision_ordinal    1 
_pdbx_audit_revision_details.data_content_type   'Structure model' 
_pdbx_audit_revision_details.provider            repository 
_pdbx_audit_revision_details.type                'Initial release' 
_pdbx_audit_revision_details.description         ? 
_pdbx_audit_revision_details.details             ? 
# 
loop_
_pdbx_audit_revision_group.ordinal 
_pdbx_audit_revision_group.revision_ordinal 
_pdbx_audit_revision_group.data_content_type 
_pdbx_audit_revision_group.group 
1 2 'Structure model' 'Version format compliance' 
2 3 'Structure model' 'Version format compliance' 
3 4 'Structure model' 'Data collection'           
4 4 'Structure model' 'Database references'       
5 5 'Structure model' 'Refinement description'    
# 
loop_
_pdbx_audit_revision_category.ordinal 
_pdbx_audit_revision_category.revision_ordinal 
_pdbx_audit_revision_category.data_content_type 
_pdbx_audit_revision_category.category 
1 4 'Structure model' chem_comp_atom                
2 4 'Structure model' chem_comp_bond                
3 4 'Structure model' database_2                    
4 5 'Structure model' pdbx_initial_refinement_model 
# 
loop_
_pdbx_audit_revision_item.ordinal 
_pdbx_audit_revision_item.revision_ordinal 
_pdbx_audit_revision_item.data_content_type 
_pdbx_audit_revision_item.item 
1 4 'Structure model' '_database_2.pdbx_DOI'                
2 4 'Structure model' '_database_2.pdbx_database_accession' 
# 
_pdbx_database_status.status_code                     REL 
_pdbx_database_status.entry_id                        425D 
_pdbx_database_status.recvd_initial_deposition_date   1998-09-14 
_pdbx_database_status.deposit_site                    NDB 
_pdbx_database_status.process_site                    NDB 
_pdbx_database_status.status_code_sf                  REL 
_pdbx_database_status.status_code_mr                  ? 
_pdbx_database_status.SG_entry                        ? 
_pdbx_database_status.pdb_format_compatible           Y 
_pdbx_database_status.status_code_cs                  ? 
_pdbx_database_status.status_code_nmr_data            ? 
_pdbx_database_status.methods_development_category    ? 
# 
loop_
_audit_author.name 
_audit_author.pdbx_ordinal 
'Rozenberg, H.'  1 
'Rabinovich, D.' 2 
'Frolow, F.'     3 
'Hegde, R.S.'    4 
'Shakked, Z.'    5 
# 
_citation.id                        primary 
_citation.title                     
'Structural code for DNA recognition revealed in crystal structures of papillomavirus E2-DNA targets.' 
_citation.journal_abbrev            Proc.Natl.Acad.Sci.USA 
_citation.journal_volume            95 
_citation.page_first                15194 
_citation.page_last                 15199 
_citation.year                      1998 
_citation.journal_id_ASTM           PNASA6 
_citation.country                   US 
_citation.journal_id_ISSN           0027-8424 
_citation.journal_id_CSD            0040 
_citation.book_publisher            ? 
_citation.pdbx_database_id_PubMed   9860945 
_citation.pdbx_database_id_DOI      10.1073/pnas.95.26.15194 
# 
loop_
_citation_author.citation_id 
_citation_author.name 
_citation_author.ordinal 
_citation_author.identifier_ORCID 
primary 'Rozenberg, H.'  1 ? 
primary 'Rabinovich, D.' 2 ? 
primary 'Frolow, F.'     3 ? 
primary 'Hegde, R.S.'    4 ? 
primary 'Shakked, Z.'    5 ? 
# 
loop_
_entity.id 
_entity.type 
_entity.src_method 
_entity.pdbx_description 
_entity.formula_weight 
_entity.pdbx_number_of_molecules 
_entity.pdbx_ec 
_entity.pdbx_mutation 
_entity.pdbx_fragment 
_entity.details 
1 polymer syn 
;DNA (5'-D(*AP*CP*CP*GP*GP*TP*AP*CP*CP*GP*GP*T)-3')
;
3663.392 2 ? ? ? ? 
2 water   nat water                                                18.015   8 ? ? ? ? 
# 
_entity_poly.entity_id                      1 
_entity_poly.type                           polydeoxyribonucleotide 
_entity_poly.nstd_linkage                   no 
_entity_poly.nstd_monomer                   no 
_entity_poly.pdbx_seq_one_letter_code       '(DA)(DC)(DC)(DG)(DG)(DT)(DA)(DC)(DC)(DG)(DG)(DT)' 
_entity_poly.pdbx_seq_one_letter_code_can   ACCGGTACCGGT 
_entity_poly.pdbx_strand_id                 A,B 
_entity_poly.pdbx_target_identifier         ? 
# 
_pdbx_entity_nonpoly.entity_id   2 
_pdbx_entity_nonpoly.name        water 
_pdbx_entity_nonpoly.comp_id     HOH 
# 
loop_
_entity_poly_seq.entity_id 
_entity_poly_seq.num 
_entity_poly_seq.mon_id 
_entity_poly_seq.hetero 
1 1  DA n 
1 2  DC n 
1 3  DC n 
1 4  DG n 
1 5  DG n 
1 6  DT n 
1 7  DA n 
1 8  DC n 
1 9  DC n 
1 10 DG n 
1 11 DG n 
1 12 DT n 
# 
loop_
_chem_comp.id 
_chem_comp.type 
_chem_comp.mon_nstd_flag 
_chem_comp.name 
_chem_comp.pdbx_synonyms 
_chem_comp.formula 
_chem_comp.formula_weight 
DA  'DNA linking' y "2'-DEOXYADENOSINE-5'-MONOPHOSPHATE" ? 'C10 H14 N5 O6 P' 331.222 
DC  'DNA linking' y "2'-DEOXYCYTIDINE-5'-MONOPHOSPHATE"  ? 'C9 H14 N3 O7 P'  307.197 
DG  'DNA linking' y "2'-DEOXYGUANOSINE-5'-MONOPHOSPHATE" ? 'C10 H14 N5 O7 P' 347.221 
DT  'DNA linking' y "THYMIDINE-5'-MONOPHOSPHATE"         ? 'C10 H15 N2 O8 P' 322.208 
HOH non-polymer   . WATER                                ? 'H2 O'            18.015  
# 
loop_
_pdbx_poly_seq_scheme.asym_id 
_pdbx_poly_seq_scheme.entity_id 
_pdbx_poly_seq_scheme.seq_id 
_pdbx_poly_seq_scheme.mon_id 
_pdbx_poly_seq_scheme.ndb_seq_num 
_pdbx_poly_seq_scheme.pdb_seq_num 
_pdbx_poly_seq_scheme.auth_seq_num 
_pdbx_poly_seq_scheme.pdb_mon_id 
_pdbx_poly_seq_scheme.auth_mon_id 
_pdbx_poly_seq_scheme.pdb_strand_id 
_pdbx_poly_seq_scheme.pdb_ins_code 
_pdbx_poly_seq_scheme.hetero 
A 1 1  DA 1  1  1  DA A A . n 
A 1 2  DC 2  2  2  DC C A . n 
A 1 3  DC 3  3  3  DC C A . n 
A 1 4  DG 4  4  4  DG G A . n 
A 1 5  DG 5  5  5  DG G A . n 
A 1 6  DT 6  6  6  DT T A . n 
A 1 7  DA 7  7  7  DA A A . n 
A 1 8  DC 8  8  8  DC C A . n 
A 1 9  DC 9  9  9  DC C A . n 
A 1 10 DG 10 10 10 DG G A . n 
A 1 11 DG 11 11 11 DG G A . n 
A 1 12 DT 12 12 12 DT T A . n 
B 1 1  DA 1  13 13 DA A B . n 
B 1 2  DC 2  14 14 DC C B . n 
B 1 3  DC 3  15 15 DC C B . n 
B 1 4  DG 4  16 16 DG G B . n 
B 1 5  DG 5  17 17 DG G B . n 
B 1 6  DT 6  18 18 DT T B . n 
B 1 7  DA 7  19 19 DA A B . n 
B 1 8  DC 8  20 20 DC C B . n 
B 1 9  DC 9  21 21 DC C B . n 
B 1 10 DG 10 22 22 DG G B . n 
B 1 11 DG 11 23 23 DG G B . n 
B 1 12 DT 12 24 24 DT T B . n 
# 
loop_
_pdbx_nonpoly_scheme.asym_id 
_pdbx_nonpoly_scheme.entity_id 
_pdbx_nonpoly_scheme.mon_id 
_pdbx_nonpoly_scheme.ndb_seq_num 
_pdbx_nonpoly_scheme.pdb_seq_num 
_pdbx_nonpoly_scheme.auth_seq_num 
_pdbx_nonpoly_scheme.pdb_mon_id 
_pdbx_nonpoly_scheme.auth_mon_id 
_pdbx_nonpoly_scheme.pdb_strand_id 
_pdbx_nonpoly_scheme.pdb_ins_code 
C 2 HOH 1 25 25 HOH HOH A . 
C 2 HOH 2 27 27 HOH HOH A . 
C 2 HOH 3 30 30 HOH HOH A . 
D 2 HOH 1 26 26 HOH HOH B . 
D 2 HOH 2 28 28 HOH HOH B . 
D 2 HOH 3 29 29 HOH HOH B . 
D 2 HOH 4 31 31 HOH HOH B . 
D 2 HOH 5 32 32 HOH HOH B . 
# 
loop_
_software.name 
_software.classification 
_software.version 
_software.citation_id 
_software.pdbx_ordinal 
ULTIMA 'model building' .   ? 1 
X-PLOR refinement       3.1 ? 2 
XDS    'data reduction' .   ? 3 
XDS    'data scaling'   .   ? 4 
XSCALE 'data scaling'   .   ? 5 
ULTIMA phasing          .   ? 6 
# 
_cell.entry_id           425D 
_cell.length_a           40.207 
_cell.length_b           40.207 
_cell.length_c           57.575 
_cell.angle_alpha        90.00 
_cell.angle_beta         90.00 
_cell.angle_gamma        90.00 
_cell.Z_PDB              8 
_cell.pdbx_unique_axis   ? 
# 
_symmetry.entry_id                         425D 
_symmetry.space_group_name_H-M             'P 43' 
_symmetry.pdbx_full_space_group_name_H-M   ? 
_symmetry.cell_setting                     tetragonal 
_symmetry.Int_Tables_number                78 
# 
_exptl.entry_id          425D 
_exptl.method            'X-RAY DIFFRACTION' 
_exptl.crystals_number   1 
# 
_exptl_crystal.id                    1 
_exptl_crystal.density_meas          ? 
_exptl_crystal.density_Matthews      3.179 
_exptl_crystal.density_percent_sol   59.58 
_exptl_crystal.description           ? 
# 
_exptl_crystal_grow.crystal_id      1 
_exptl_crystal_grow.method          'VAPOR DIFFUSION, HANGING DROP' 
_exptl_crystal_grow.temp            277 
_exptl_crystal_grow.temp_details    ? 
_exptl_crystal_grow.pH              7.0 
_exptl_crystal_grow.pdbx_details    'pH 7.0, VAPOR DIFFUSION, HANGING DROP, temperature 277K' 
_exptl_crystal_grow.pdbx_pH_range   ? 
# 
loop_
_exptl_crystal_grow_comp.crystal_id 
_exptl_crystal_grow_comp.id 
_exptl_crystal_grow_comp.sol_id 
_exptl_crystal_grow_comp.name 
_exptl_crystal_grow_comp.volume 
_exptl_crystal_grow_comp.conc 
_exptl_crystal_grow_comp.details 
1 1 1 MGCL2               ? ? ? 
1 2 1 MNCL2               ? ? ? 
1 3 1 SPERMINE            ? ? ? 
1 4 1 'SODIUM CACODYLATE' ? ? ? 
1 5 1 MPD                 ? ? ? 
1 6 2 'SODIUM CACODYLATE' ? ? ? 
1 7 2 MPD                 ? ? ? 
# 
_diffrn.id                     1 
_diffrn.ambient_temp           120.0 
_diffrn.ambient_temp_details   ? 
_diffrn.crystal_id             1 
# 
_diffrn_detector.diffrn_id              1 
_diffrn_detector.detector               'AREA DETECTOR' 
_diffrn_detector.type                   XENTRONICS 
_diffrn_detector.pdbx_collection_date   1995-03-10 
_diffrn_detector.details                ? 
# 
_diffrn_radiation.diffrn_id                        1 
_diffrn_radiation.wavelength_id                    1 
_diffrn_radiation.pdbx_monochromatic_or_laue_m_l   M 
_diffrn_radiation.monochromator                    GRAPHITE 
_diffrn_radiation.pdbx_diffrn_protocol             'SINGLE WAVELENGTH' 
_diffrn_radiation.pdbx_scattering_type             x-ray 
# 
_diffrn_radiation_wavelength.id           1 
_diffrn_radiation_wavelength.wavelength   . 
_diffrn_radiation_wavelength.wt           1.0 
# 
_diffrn_source.diffrn_id                   1 
_diffrn_source.source                      'ROTATING ANODE' 
_diffrn_source.type                        'RIGAKU RU300' 
_diffrn_source.pdbx_synchrotron_site       ? 
_diffrn_source.pdbx_synchrotron_beamline   ? 
_diffrn_source.pdbx_wavelength             ? 
_diffrn_source.pdbx_wavelength_list        ? 
# 
_reflns.entry_id                     425D 
_reflns.observed_criterion_sigma_I   0.00 
_reflns.observed_criterion_sigma_F   0.00 
_reflns.d_resolution_low             25.5 
_reflns.d_resolution_high            2.80 
_reflns.number_obs                   2243 
_reflns.number_all                   2243 
_reflns.percent_possible_obs         97.5 
_reflns.pdbx_Rmerge_I_obs            0.0560000 
_reflns.pdbx_Rsym_value              ? 
_reflns.pdbx_netI_over_sigmaI        ? 
_reflns.B_iso_Wilson_estimate        ? 
_reflns.pdbx_redundancy              6.0 
_reflns.pdbx_diffrn_id               1 
_reflns.pdbx_ordinal                 1 
# 
_reflns_shell.d_res_high             2.80 
_reflns_shell.d_res_low              2.90 
_reflns_shell.percent_possible_all   90.5 
_reflns_shell.Rmerge_I_obs           0.2100000 
_reflns_shell.pdbx_Rsym_value        ? 
_reflns_shell.meanI_over_sigI_obs    ? 
_reflns_shell.pdbx_redundancy        2.7 
_reflns_shell.pdbx_diffrn_id         ? 
_reflns_shell.pdbx_ordinal           1 
# 
_refine.entry_id                                 425D 
_refine.ls_number_reflns_obs                     2230 
_refine.ls_number_reflns_all                     2230 
_refine.pdbx_ls_sigma_I                          0.00 
_refine.pdbx_ls_sigma_F                          0.00 
_refine.pdbx_data_cutoff_high_absF               ? 
_refine.pdbx_data_cutoff_low_absF                ? 
_refine.pdbx_data_cutoff_high_rms_absF           ? 
_refine.ls_d_res_low                             25.5 
_refine.ls_d_res_high                            2.80 
_refine.ls_percent_reflns_obs                    97.50 
_refine.ls_R_factor_obs                          0.2190000 
_refine.ls_R_factor_all                          0.2190000 
_refine.ls_R_factor_R_work                       0.2190000 
_refine.ls_R_factor_R_free                       ? 
_refine.ls_R_factor_R_free_error                 ? 
_refine.ls_R_factor_R_free_error_details         ? 
_refine.ls_percent_reflns_R_free                 ? 
_refine.ls_number_reflns_R_free                  ? 
_refine.ls_number_parameters                     ? 
_refine.ls_number_restraints                     ? 
_refine.occupancy_min                            ? 
_refine.occupancy_max                            ? 
_refine.B_iso_mean                               ? 
_refine.aniso_B[1][1]                            ? 
_refine.aniso_B[2][2]                            ? 
_refine.aniso_B[3][3]                            ? 
_refine.aniso_B[1][2]                            ? 
_refine.aniso_B[1][3]                            ? 
_refine.aniso_B[2][3]                            ? 
_refine.solvent_model_details                    ? 
_refine.solvent_model_param_ksol                 ? 
_refine.solvent_model_param_bsol                 ? 
_refine.pdbx_ls_cross_valid_method               ? 
_refine.details                                  ? 
_refine.pdbx_starting_model                      'IDEAL B-DNA' 
_refine.pdbx_method_to_determine_struct          'MOLECULAR REPLACEMENT' 
_refine.pdbx_isotropic_thermal_model             ? 
_refine.pdbx_stereochemistry_target_values       ? 
_refine.pdbx_stereochem_target_val_spec_case     ? 
_refine.pdbx_R_Free_selection_details            ? 
_refine.pdbx_overall_ESU_R                       ? 
_refine.pdbx_overall_ESU_R_Free                  ? 
_refine.overall_SU_ML                            ? 
_refine.overall_SU_B                             ? 
_refine.pdbx_refine_id                           'X-RAY DIFFRACTION' 
_refine.pdbx_diffrn_id                           1 
_refine.pdbx_TLS_residual_ADP_flag               ? 
_refine.correlation_coeff_Fo_to_Fc               ? 
_refine.correlation_coeff_Fo_to_Fc_free          ? 
_refine.pdbx_solvent_vdw_probe_radii             ? 
_refine.pdbx_solvent_ion_probe_radii             ? 
_refine.pdbx_solvent_shrinkage_radii             ? 
_refine.pdbx_overall_phase_error                 ? 
_refine.overall_SU_R_Cruickshank_DPI             ? 
_refine.pdbx_overall_SU_R_free_Cruickshank_DPI   ? 
_refine.pdbx_overall_SU_R_Blow_DPI               ? 
_refine.pdbx_overall_SU_R_free_Blow_DPI          ? 
# 
_refine_hist.pdbx_refine_id                   'X-RAY DIFFRACTION' 
_refine_hist.cycle_id                         LAST 
_refine_hist.pdbx_number_atoms_protein        0 
_refine_hist.pdbx_number_atoms_nucleic_acid   486 
_refine_hist.pdbx_number_atoms_ligand         0 
_refine_hist.number_atoms_solvent             8 
_refine_hist.number_atoms_total               494 
_refine_hist.d_res_high                       2.80 
_refine_hist.d_res_low                        25.5 
# 
loop_
_refine_ls_restr.type 
_refine_ls_restr.dev_ideal 
_refine_ls_restr.dev_ideal_target 
_refine_ls_restr.weight 
_refine_ls_restr.number 
_refine_ls_restr.pdbx_refine_id 
_refine_ls_restr.pdbx_restraint_function 
x_bond_d                0.010 ? ? ? 'X-RAY DIFFRACTION' ? 
x_bond_d_na             ?     ? ? ? 'X-RAY DIFFRACTION' ? 
x_bond_d_prot           ?     ? ? ? 'X-RAY DIFFRACTION' ? 
x_angle_d               ?     ? ? ? 'X-RAY DIFFRACTION' ? 
x_angle_d_na            ?     ? ? ? 'X-RAY DIFFRACTION' ? 
x_angle_d_prot          ?     ? ? ? 'X-RAY DIFFRACTION' ? 
x_angle_deg             1.30  ? ? ? 'X-RAY DIFFRACTION' ? 
x_angle_deg_na          ?     ? ? ? 'X-RAY DIFFRACTION' ? 
x_angle_deg_prot        ?     ? ? ? 'X-RAY DIFFRACTION' ? 
x_dihedral_angle_d      16.9  ? ? ? 'X-RAY DIFFRACTION' ? 
x_dihedral_angle_d_na   ?     ? ? ? 'X-RAY DIFFRACTION' ? 
x_dihedral_angle_d_prot ?     ? ? ? 'X-RAY DIFFRACTION' ? 
x_improper_angle_d      ?     ? ? ? 'X-RAY DIFFRACTION' ? 
x_improper_angle_d_na   ?     ? ? ? 'X-RAY DIFFRACTION' ? 
x_improper_angle_d_prot ?     ? ? ? 'X-RAY DIFFRACTION' ? 
x_mcbond_it             ?     ? ? ? 'X-RAY DIFFRACTION' ? 
x_mcangle_it            ?     ? ? ? 'X-RAY DIFFRACTION' ? 
x_scbond_it             ?     ? ? ? 'X-RAY DIFFRACTION' ? 
x_scangle_it            ?     ? ? ? 'X-RAY DIFFRACTION' ? 
# 
_pdbx_xplor_file.serial_no        1 
_pdbx_xplor_file.param_file       PARAM_NDBX.DNA 
_pdbx_xplor_file.topol_file       TOP_NDBX.DNA 
_pdbx_xplor_file.pdbx_refine_id   'X-RAY DIFFRACTION' 
# 
_struct.entry_id                  425D 
_struct.title                     "5'-D(*AP*CP*CP*GP*GP*TP*AP*CP*CP*GP*GP*T)-3'" 
_struct.pdbx_model_details        ? 
_struct.pdbx_CASP_flag            ? 
_struct.pdbx_model_type_details   ? 
# 
_struct_keywords.entry_id        425D 
_struct_keywords.pdbx_keywords   DNA 
_struct_keywords.text            'DOUBLE HELIX, DNA' 
# 
loop_
_struct_asym.id 
_struct_asym.pdbx_blank_PDB_chainid_flag 
_struct_asym.pdbx_modified 
_struct_asym.entity_id 
_struct_asym.details 
A N N 1 ? 
B N N 1 ? 
C N N 2 ? 
D N N 2 ? 
# 
_struct_ref.id                         1 
_struct_ref.entity_id                  1 
_struct_ref.db_name                    PDB 
_struct_ref.db_code                    425D 
_struct_ref.pdbx_db_accession          425D 
_struct_ref.pdbx_db_isoform            ? 
_struct_ref.pdbx_seq_one_letter_code   ? 
_struct_ref.pdbx_align_begin           ? 
# 
loop_
_struct_ref_seq.align_id 
_struct_ref_seq.ref_id 
_struct_ref_seq.pdbx_PDB_id_code 
_struct_ref_seq.pdbx_strand_id 
_struct_ref_seq.seq_align_beg 
_struct_ref_seq.pdbx_seq_align_beg_ins_code 
_struct_ref_seq.seq_align_end 
_struct_ref_seq.pdbx_seq_align_end_ins_code 
_struct_ref_seq.pdbx_db_accession 
_struct_ref_seq.db_align_beg 
_struct_ref_seq.pdbx_db_align_beg_ins_code 
_struct_ref_seq.db_align_end 
_struct_ref_seq.pdbx_db_align_end_ins_code 
_struct_ref_seq.pdbx_auth_seq_align_beg 
_struct_ref_seq.pdbx_auth_seq_align_end 
1 1 425D A 1 ? 12 ? 425D 1  ? 12 ? 1  12 
2 1 425D B 1 ? 12 ? 425D 13 ? 24 ? 13 24 
# 
_pdbx_struct_assembly.id                   1 
_pdbx_struct_assembly.details              author_defined_assembly 
_pdbx_struct_assembly.method_details       ? 
_pdbx_struct_assembly.oligomeric_details   dimeric 
_pdbx_struct_assembly.oligomeric_count     2 
# 
_pdbx_struct_assembly_gen.assembly_id       1 
_pdbx_struct_assembly_gen.oper_expression   1 
_pdbx_struct_assembly_gen.asym_id_list      A,B,C,D 
# 
_pdbx_struct_oper_list.id                   1 
_pdbx_struct_oper_list.type                 'identity operation' 
_pdbx_struct_oper_list.name                 1_555 
_pdbx_struct_oper_list.symmetry_operation   x,y,z 
_pdbx_struct_oper_list.matrix[1][1]         1.0000000000 
_pdbx_struct_oper_list.matrix[1][2]         0.0000000000 
_pdbx_struct_oper_list.matrix[1][3]         0.0000000000 
_pdbx_struct_oper_list.vector[1]            0.0000000000 
_pdbx_struct_oper_list.matrix[2][1]         0.0000000000 
_pdbx_struct_oper_list.matrix[2][2]         1.0000000000 
_pdbx_struct_oper_list.matrix[2][3]         0.0000000000 
_pdbx_struct_oper_list.vector[2]            0.0000000000 
_pdbx_struct_oper_list.matrix[3][1]         0.0000000000 
_pdbx_struct_oper_list.matrix[3][2]         0.0000000000 
_pdbx_struct_oper_list.matrix[3][3]         1.0000000000 
_pdbx_struct_oper_list.vector[3]            0.0000000000 
# 
_struct_biol.id   1 
# 
loop_
_struct_conn.id 
_struct_conn.conn_type_id 
_struct_conn.pdbx_leaving_atom_flag 
_struct_conn.pdbx_PDB_id 
_struct_conn.ptnr1_label_asym_id 
_struct_conn.ptnr1_label_comp_id 
_struct_conn.ptnr1_label_seq_id 
_struct_conn.ptnr1_label_atom_id 
_struct_conn.pdbx_ptnr1_label_alt_id 
_struct_conn.pdbx_ptnr1_PDB_ins_code 
_struct_conn.pdbx_ptnr1_standard_comp_id 
_struct_conn.ptnr1_symmetry 
_struct_conn.ptnr2_label_asym_id 
_struct_conn.ptnr2_label_comp_id 
_struct_conn.ptnr2_label_seq_id 
_struct_conn.ptnr2_label_atom_id 
_struct_conn.pdbx_ptnr2_label_alt_id 
_struct_conn.pdbx_ptnr2_PDB_ins_code 
_struct_conn.ptnr1_auth_asym_id 
_struct_conn.ptnr1_auth_comp_id 
_struct_conn.ptnr1_auth_seq_id 
_struct_conn.ptnr2_auth_asym_id 
_struct_conn.ptnr2_auth_comp_id 
_struct_conn.ptnr2_auth_seq_id 
_struct_conn.ptnr2_symmetry 
_struct_conn.pdbx_ptnr3_label_atom_id 
_struct_conn.pdbx_ptnr3_label_seq_id 
_struct_conn.pdbx_ptnr3_label_comp_id 
_struct_conn.pdbx_ptnr3_label_asym_id 
_struct_conn.pdbx_ptnr3_label_alt_id 
_struct_conn.pdbx_ptnr3_PDB_ins_code 
_struct_conn.details 
_struct_conn.pdbx_dist_value 
_struct_conn.pdbx_value_order 
_struct_conn.pdbx_role 
hydrog1  hydrog ? ? A DA 1  N1 ? ? ? 1_555 B DT 12 N3 ? ? A DA 1  B DT 24 1_555 ? ? ? ? ? ? WATSON-CRICK ? ? ? 
hydrog2  hydrog ? ? A DA 1  N6 ? ? ? 1_555 B DT 12 O4 ? ? A DA 1  B DT 24 1_555 ? ? ? ? ? ? WATSON-CRICK ? ? ? 
hydrog3  hydrog ? ? A DC 2  N3 ? ? ? 1_555 B DG 11 N1 ? ? A DC 2  B DG 23 1_555 ? ? ? ? ? ? WATSON-CRICK ? ? ? 
hydrog4  hydrog ? ? A DC 2  N4 ? ? ? 1_555 B DG 11 O6 ? ? A DC 2  B DG 23 1_555 ? ? ? ? ? ? WATSON-CRICK ? ? ? 
hydrog5  hydrog ? ? A DC 2  O2 ? ? ? 1_555 B DG 11 N2 ? ? A DC 2  B DG 23 1_555 ? ? ? ? ? ? WATSON-CRICK ? ? ? 
hydrog6  hydrog ? ? A DC 3  N3 ? ? ? 1_555 B DG 10 N1 ? ? A DC 3  B DG 22 1_555 ? ? ? ? ? ? WATSON-CRICK ? ? ? 
hydrog7  hydrog ? ? A DC 3  N4 ? ? ? 1_555 B DG 10 O6 ? ? A DC 3  B DG 22 1_555 ? ? ? ? ? ? WATSON-CRICK ? ? ? 
hydrog8  hydrog ? ? A DC 3  O2 ? ? ? 1_555 B DG 10 N2 ? ? A DC 3  B DG 22 1_555 ? ? ? ? ? ? WATSON-CRICK ? ? ? 
hydrog9  hydrog ? ? A DG 4  N1 ? ? ? 1_555 B DC 9  N3 ? ? A DG 4  B DC 21 1_555 ? ? ? ? ? ? WATSON-CRICK ? ? ? 
hydrog10 hydrog ? ? A DG 4  N2 ? ? ? 1_555 B DC 9  O2 ? ? A DG 4  B DC 21 1_555 ? ? ? ? ? ? WATSON-CRICK ? ? ? 
hydrog11 hydrog ? ? A DG 4  O6 ? ? ? 1_555 B DC 9  N4 ? ? A DG 4  B DC 21 1_555 ? ? ? ? ? ? WATSON-CRICK ? ? ? 
hydrog12 hydrog ? ? A DG 5  N1 ? ? ? 1_555 B DC 8  N3 ? ? A DG 5  B DC 20 1_555 ? ? ? ? ? ? WATSON-CRICK ? ? ? 
hydrog13 hydrog ? ? A DG 5  N2 ? ? ? 1_555 B DC 8  O2 ? ? A DG 5  B DC 20 1_555 ? ? ? ? ? ? WATSON-CRICK ? ? ? 
hydrog14 hydrog ? ? A DG 5  O6 ? ? ? 1_555 B DC 8  N4 ? ? A DG 5  B DC 20 1_555 ? ? ? ? ? ? WATSON-CRICK ? ? ? 
hydrog15 hydrog ? ? A DT 6  N3 ? ? ? 1_555 B DA 7  N1 ? ? A DT 6  B DA 19 1_555 ? ? ? ? ? ? WATSON-CRICK ? ? ? 
hydrog16 hydrog ? ? A DT 6  O4 ? ? ? 1_555 B DA 7  N6 ? ? A DT 6  B DA 19 1_555 ? ? ? ? ? ? WATSON-CRICK ? ? ? 
hydrog17 hydrog ? ? A DA 7  N1 ? ? ? 1_555 B DT 6  N3 ? ? A DA 7  B DT 18 1_555 ? ? ? ? ? ? WATSON-CRICK ? ? ? 
hydrog18 hydrog ? ? A DA 7  N6 ? ? ? 1_555 B DT 6  O4 ? ? A DA 7  B DT 18 1_555 ? ? ? ? ? ? WATSON-CRICK ? ? ? 
hydrog19 hydrog ? ? A DC 8  N3 ? ? ? 1_555 B DG 5  N1 ? ? A DC 8  B DG 17 1_555 ? ? ? ? ? ? WATSON-CRICK ? ? ? 
hydrog20 hydrog ? ? A DC 8  N4 ? ? ? 1_555 B DG 5  O6 ? ? A DC 8  B DG 17 1_555 ? ? ? ? ? ? WATSON-CRICK ? ? ? 
hydrog21 hydrog ? ? A DC 8  O2 ? ? ? 1_555 B DG 5  N2 ? ? A DC 8  B DG 17 1_555 ? ? ? ? ? ? WATSON-CRICK ? ? ? 
hydrog22 hydrog ? ? A DC 9  N3 ? ? ? 1_555 B DG 4  N1 ? ? A DC 9  B DG 16 1_555 ? ? ? ? ? ? WATSON-CRICK ? ? ? 
hydrog23 hydrog ? ? A DC 9  N4 ? ? ? 1_555 B DG 4  O6 ? ? A DC 9  B DG 16 1_555 ? ? ? ? ? ? WATSON-CRICK ? ? ? 
hydrog24 hydrog ? ? A DC 9  O2 ? ? ? 1_555 B DG 4  N2 ? ? A DC 9  B DG 16 1_555 ? ? ? ? ? ? WATSON-CRICK ? ? ? 
hydrog25 hydrog ? ? A DG 10 N1 ? ? ? 1_555 B DC 3  N3 ? ? A DG 10 B DC 15 1_555 ? ? ? ? ? ? WATSON-CRICK ? ? ? 
hydrog26 hydrog ? ? A DG 10 N2 ? ? ? 1_555 B DC 3  O2 ? ? A DG 10 B DC 15 1_555 ? ? ? ? ? ? WATSON-CRICK ? ? ? 
hydrog27 hydrog ? ? A DG 10 O6 ? ? ? 1_555 B DC 3  N4 ? ? A DG 10 B DC 15 1_555 ? ? ? ? ? ? WATSON-CRICK ? ? ? 
hydrog28 hydrog ? ? A DG 11 N1 ? ? ? 1_555 B DC 2  N3 ? ? A DG 11 B DC 14 1_555 ? ? ? ? ? ? WATSON-CRICK ? ? ? 
hydrog29 hydrog ? ? A DG 11 N2 ? ? ? 1_555 B DC 2  O2 ? ? A DG 11 B DC 14 1_555 ? ? ? ? ? ? WATSON-CRICK ? ? ? 
hydrog30 hydrog ? ? A DG 11 O6 ? ? ? 1_555 B DC 2  N4 ? ? A DG 11 B DC 14 1_555 ? ? ? ? ? ? WATSON-CRICK ? ? ? 
hydrog31 hydrog ? ? A DT 12 N3 ? ? ? 1_555 B DA 1  N1 ? ? A DT 12 B DA 13 1_555 ? ? ? ? ? ? WATSON-CRICK ? ? ? 
hydrog32 hydrog ? ? A DT 12 O4 ? ? ? 1_555 B DA 1  N6 ? ? A DT 12 B DA 13 1_555 ? ? ? ? ? ? WATSON-CRICK ? ? ? 
# 
_struct_conn_type.id          hydrog 
_struct_conn_type.criteria    ? 
_struct_conn_type.reference   ? 
# 
loop_
_chem_comp_atom.comp_id 
_chem_comp_atom.atom_id 
_chem_comp_atom.type_symbol 
_chem_comp_atom.pdbx_aromatic_flag 
_chem_comp_atom.pdbx_stereo_config 
_chem_comp_atom.pdbx_ordinal 
DA  OP3    O N N 1   
DA  P      P N N 2   
DA  OP1    O N N 3   
DA  OP2    O N N 4   
DA  "O5'"  O N N 5   
DA  "C5'"  C N N 6   
DA  "C4'"  C N R 7   
DA  "O4'"  O N N 8   
DA  "C3'"  C N S 9   
DA  "O3'"  O N N 10  
DA  "C2'"  C N N 11  
DA  "C1'"  C N R 12  
DA  N9     N Y N 13  
DA  C8     C Y N 14  
DA  N7     N Y N 15  
DA  C5     C Y N 16  
DA  C6     C Y N 17  
DA  N6     N N N 18  
DA  N1     N Y N 19  
DA  C2     C Y N 20  
DA  N3     N Y N 21  
DA  C4     C Y N 22  
DA  HOP3   H N N 23  
DA  HOP2   H N N 24  
DA  "H5'"  H N N 25  
DA  "H5''" H N N 26  
DA  "H4'"  H N N 27  
DA  "H3'"  H N N 28  
DA  "HO3'" H N N 29  
DA  "H2'"  H N N 30  
DA  "H2''" H N N 31  
DA  "H1'"  H N N 32  
DA  H8     H N N 33  
DA  H61    H N N 34  
DA  H62    H N N 35  
DA  H2     H N N 36  
DC  OP3    O N N 37  
DC  P      P N N 38  
DC  OP1    O N N 39  
DC  OP2    O N N 40  
DC  "O5'"  O N N 41  
DC  "C5'"  C N N 42  
DC  "C4'"  C N R 43  
DC  "O4'"  O N N 44  
DC  "C3'"  C N S 45  
DC  "O3'"  O N N 46  
DC  "C2'"  C N N 47  
DC  "C1'"  C N R 48  
DC  N1     N N N 49  
DC  C2     C N N 50  
DC  O2     O N N 51  
DC  N3     N N N 52  
DC  C4     C N N 53  
DC  N4     N N N 54  
DC  C5     C N N 55  
DC  C6     C N N 56  
DC  HOP3   H N N 57  
DC  HOP2   H N N 58  
DC  "H5'"  H N N 59  
DC  "H5''" H N N 60  
DC  "H4'"  H N N 61  
DC  "H3'"  H N N 62  
DC  "HO3'" H N N 63  
DC  "H2'"  H N N 64  
DC  "H2''" H N N 65  
DC  "H1'"  H N N 66  
DC  H41    H N N 67  
DC  H42    H N N 68  
DC  H5     H N N 69  
DC  H6     H N N 70  
DG  OP3    O N N 71  
DG  P      P N N 72  
DG  OP1    O N N 73  
DG  OP2    O N N 74  
DG  "O5'"  O N N 75  
DG  "C5'"  C N N 76  
DG  "C4'"  C N R 77  
DG  "O4'"  O N N 78  
DG  "C3'"  C N S 79  
DG  "O3'"  O N N 80  
DG  "C2'"  C N N 81  
DG  "C1'"  C N R 82  
DG  N9     N Y N 83  
DG  C8     C Y N 84  
DG  N7     N Y N 85  
DG  C5     C Y N 86  
DG  C6     C N N 87  
DG  O6     O N N 88  
DG  N1     N N N 89  
DG  C2     C N N 90  
DG  N2     N N N 91  
DG  N3     N N N 92  
DG  C4     C Y N 93  
DG  HOP3   H N N 94  
DG  HOP2   H N N 95  
DG  "H5'"  H N N 96  
DG  "H5''" H N N 97  
DG  "H4'"  H N N 98  
DG  "H3'"  H N N 99  
DG  "HO3'" H N N 100 
DG  "H2'"  H N N 101 
DG  "H2''" H N N 102 
DG  "H1'"  H N N 103 
DG  H8     H N N 104 
DG  H1     H N N 105 
DG  H21    H N N 106 
DG  H22    H N N 107 
DT  OP3    O N N 108 
DT  P      P N N 109 
DT  OP1    O N N 110 
DT  OP2    O N N 111 
DT  "O5'"  O N N 112 
DT  "C5'"  C N N 113 
DT  "C4'"  C N R 114 
DT  "O4'"  O N N 115 
DT  "C3'"  C N S 116 
DT  "O3'"  O N N 117 
DT  "C2'"  C N N 118 
DT  "C1'"  C N R 119 
DT  N1     N N N 120 
DT  C2     C N N 121 
DT  O2     O N N 122 
DT  N3     N N N 123 
DT  C4     C N N 124 
DT  O4     O N N 125 
DT  C5     C N N 126 
DT  C7     C N N 127 
DT  C6     C N N 128 
DT  HOP3   H N N 129 
DT  HOP2   H N N 130 
DT  "H5'"  H N N 131 
DT  "H5''" H N N 132 
DT  "H4'"  H N N 133 
DT  "H3'"  H N N 134 
DT  "HO3'" H N N 135 
DT  "H2'"  H N N 136 
DT  "H2''" H N N 137 
DT  "H1'"  H N N 138 
DT  H3     H N N 139 
DT  H71    H N N 140 
DT  H72    H N N 141 
DT  H73    H N N 142 
DT  H6     H N N 143 
HOH O      O N N 144 
HOH H1     H N N 145 
HOH H2     H N N 146 
# 
loop_
_chem_comp_bond.comp_id 
_chem_comp_bond.atom_id_1 
_chem_comp_bond.atom_id_2 
_chem_comp_bond.value_order 
_chem_comp_bond.pdbx_aromatic_flag 
_chem_comp_bond.pdbx_stereo_config 
_chem_comp_bond.pdbx_ordinal 
DA  OP3   P      sing N N 1   
DA  OP3   HOP3   sing N N 2   
DA  P     OP1    doub N N 3   
DA  P     OP2    sing N N 4   
DA  P     "O5'"  sing N N 5   
DA  OP2   HOP2   sing N N 6   
DA  "O5'" "C5'"  sing N N 7   
DA  "C5'" "C4'"  sing N N 8   
DA  "C5'" "H5'"  sing N N 9   
DA  "C5'" "H5''" sing N N 10  
DA  "C4'" "O4'"  sing N N 11  
DA  "C4'" "C3'"  sing N N 12  
DA  "C4'" "H4'"  sing N N 13  
DA  "O4'" "C1'"  sing N N 14  
DA  "C3'" "O3'"  sing N N 15  
DA  "C3'" "C2'"  sing N N 16  
DA  "C3'" "H3'"  sing N N 17  
DA  "O3'" "HO3'" sing N N 18  
DA  "C2'" "C1'"  sing N N 19  
DA  "C2'" "H2'"  sing N N 20  
DA  "C2'" "H2''" sing N N 21  
DA  "C1'" N9     sing N N 22  
DA  "C1'" "H1'"  sing N N 23  
DA  N9    C8     sing Y N 24  
DA  N9    C4     sing Y N 25  
DA  C8    N7     doub Y N 26  
DA  C8    H8     sing N N 27  
DA  N7    C5     sing Y N 28  
DA  C5    C6     sing Y N 29  
DA  C5    C4     doub Y N 30  
DA  C6    N6     sing N N 31  
DA  C6    N1     doub Y N 32  
DA  N6    H61    sing N N 33  
DA  N6    H62    sing N N 34  
DA  N1    C2     sing Y N 35  
DA  C2    N3     doub Y N 36  
DA  C2    H2     sing N N 37  
DA  N3    C4     sing Y N 38  
DC  OP3   P      sing N N 39  
DC  OP3   HOP3   sing N N 40  
DC  P     OP1    doub N N 41  
DC  P     OP2    sing N N 42  
DC  P     "O5'"  sing N N 43  
DC  OP2   HOP2   sing N N 44  
DC  "O5'" "C5'"  sing N N 45  
DC  "C5'" "C4'"  sing N N 46  
DC  "C5'" "H5'"  sing N N 47  
DC  "C5'" "H5''" sing N N 48  
DC  "C4'" "O4'"  sing N N 49  
DC  "C4'" "C3'"  sing N N 50  
DC  "C4'" "H4'"  sing N N 51  
DC  "O4'" "C1'"  sing N N 52  
DC  "C3'" "O3'"  sing N N 53  
DC  "C3'" "C2'"  sing N N 54  
DC  "C3'" "H3'"  sing N N 55  
DC  "O3'" "HO3'" sing N N 56  
DC  "C2'" "C1'"  sing N N 57  
DC  "C2'" "H2'"  sing N N 58  
DC  "C2'" "H2''" sing N N 59  
DC  "C1'" N1     sing N N 60  
DC  "C1'" "H1'"  sing N N 61  
DC  N1    C2     sing N N 62  
DC  N1    C6     sing N N 63  
DC  C2    O2     doub N N 64  
DC  C2    N3     sing N N 65  
DC  N3    C4     doub N N 66  
DC  C4    N4     sing N N 67  
DC  C4    C5     sing N N 68  
DC  N4    H41    sing N N 69  
DC  N4    H42    sing N N 70  
DC  C5    C6     doub N N 71  
DC  C5    H5     sing N N 72  
DC  C6    H6     sing N N 73  
DG  OP3   P      sing N N 74  
DG  OP3   HOP3   sing N N 75  
DG  P     OP1    doub N N 76  
DG  P     OP2    sing N N 77  
DG  P     "O5'"  sing N N 78  
DG  OP2   HOP2   sing N N 79  
DG  "O5'" "C5'"  sing N N 80  
DG  "C5'" "C4'"  sing N N 81  
DG  "C5'" "H5'"  sing N N 82  
DG  "C5'" "H5''" sing N N 83  
DG  "C4'" "O4'"  sing N N 84  
DG  "C4'" "C3'"  sing N N 85  
DG  "C4'" "H4'"  sing N N 86  
DG  "O4'" "C1'"  sing N N 87  
DG  "C3'" "O3'"  sing N N 88  
DG  "C3'" "C2'"  sing N N 89  
DG  "C3'" "H3'"  sing N N 90  
DG  "O3'" "HO3'" sing N N 91  
DG  "C2'" "C1'"  sing N N 92  
DG  "C2'" "H2'"  sing N N 93  
DG  "C2'" "H2''" sing N N 94  
DG  "C1'" N9     sing N N 95  
DG  "C1'" "H1'"  sing N N 96  
DG  N9    C8     sing Y N 97  
DG  N9    C4     sing Y N 98  
DG  C8    N7     doub Y N 99  
DG  C8    H8     sing N N 100 
DG  N7    C5     sing Y N 101 
DG  C5    C6     sing N N 102 
DG  C5    C4     doub Y N 103 
DG  C6    O6     doub N N 104 
DG  C6    N1     sing N N 105 
DG  N1    C2     sing N N 106 
DG  N1    H1     sing N N 107 
DG  C2    N2     sing N N 108 
DG  C2    N3     doub N N 109 
DG  N2    H21    sing N N 110 
DG  N2    H22    sing N N 111 
DG  N3    C4     sing N N 112 
DT  OP3   P      sing N N 113 
DT  OP3   HOP3   sing N N 114 
DT  P     OP1    doub N N 115 
DT  P     OP2    sing N N 116 
DT  P     "O5'"  sing N N 117 
DT  OP2   HOP2   sing N N 118 
DT  "O5'" "C5'"  sing N N 119 
DT  "C5'" "C4'"  sing N N 120 
DT  "C5'" "H5'"  sing N N 121 
DT  "C5'" "H5''" sing N N 122 
DT  "C4'" "O4'"  sing N N 123 
DT  "C4'" "C3'"  sing N N 124 
DT  "C4'" "H4'"  sing N N 125 
DT  "O4'" "C1'"  sing N N 126 
DT  "C3'" "O3'"  sing N N 127 
DT  "C3'" "C2'"  sing N N 128 
DT  "C3'" "H3'"  sing N N 129 
DT  "O3'" "HO3'" sing N N 130 
DT  "C2'" "C1'"  sing N N 131 
DT  "C2'" "H2'"  sing N N 132 
DT  "C2'" "H2''" sing N N 133 
DT  "C1'" N1     sing N N 134 
DT  "C1'" "H1'"  sing N N 135 
DT  N1    C2     sing N N 136 
DT  N1    C6     sing N N 137 
DT  C2    O2     doub N N 138 
DT  C2    N3     sing N N 139 
DT  N3    C4     sing N N 140 
DT  N3    H3     sing N N 141 
DT  C4    O4     doub N N 142 
DT  C4    C5     sing N N 143 
DT  C5    C7     sing N N 144 
DT  C5    C6     doub N N 145 
DT  C7    H71    sing N N 146 
DT  C7    H72    sing N N 147 
DT  C7    H73    sing N N 148 
DT  C6    H6     sing N N 149 
HOH O     H1     sing N N 150 
HOH O     H2     sing N N 151 
# 
loop_
_ndb_struct_conf_na.entry_id 
_ndb_struct_conf_na.feature 
425D 'double helix'        
425D 'b-form double helix' 
# 
loop_
_ndb_struct_na_base_pair.model_number 
_ndb_struct_na_base_pair.i_label_asym_id 
_ndb_struct_na_base_pair.i_label_comp_id 
_ndb_struct_na_base_pair.i_label_seq_id 
_ndb_struct_na_base_pair.i_symmetry 
_ndb_struct_na_base_pair.j_label_asym_id 
_ndb_struct_na_base_pair.j_label_comp_id 
_ndb_struct_na_base_pair.j_label_seq_id 
_ndb_struct_na_base_pair.j_symmetry 
_ndb_struct_na_base_pair.shear 
_ndb_struct_na_base_pair.stretch 
_ndb_struct_na_base_pair.stagger 
_ndb_struct_na_base_pair.buckle 
_ndb_struct_na_base_pair.propeller 
_ndb_struct_na_base_pair.opening 
_ndb_struct_na_base_pair.pair_number 
_ndb_struct_na_base_pair.pair_name 
_ndb_struct_na_base_pair.i_auth_asym_id 
_ndb_struct_na_base_pair.i_auth_seq_id 
_ndb_struct_na_base_pair.i_PDB_ins_code 
_ndb_struct_na_base_pair.j_auth_asym_id 
_ndb_struct_na_base_pair.j_auth_seq_id 
_ndb_struct_na_base_pair.j_PDB_ins_code 
_ndb_struct_na_base_pair.hbond_type_28 
_ndb_struct_na_base_pair.hbond_type_12 
1 A DA 1  1_555 B DT 12 1_555 -0.098 -0.453 0.140  5.554  -9.762 -1.507 1  A_DA1:DT24_B  A 1  ? B 24 ? 20 1 
1 A DC 2  1_555 B DG 11 1_555 0.018  -0.274 -0.045 1.875  -8.134 -3.238 2  A_DC2:DG23_B  A 2  ? B 23 ? 19 1 
1 A DC 3  1_555 B DG 10 1_555 0.155  -0.173 0.066  -0.395 -0.792 1.275  3  A_DC3:DG22_B  A 3  ? B 22 ? 19 1 
1 A DG 4  1_555 B DC 9  1_555 0.084  -0.176 0.112  2.563  -7.557 0.451  4  A_DG4:DC21_B  A 4  ? B 21 ? 19 1 
1 A DG 5  1_555 B DC 8  1_555 -0.189 -0.314 0.019  -4.542 -6.401 1.597  5  A_DG5:DC20_B  A 5  ? B 20 ? 19 1 
1 A DT 6  1_555 B DA 7  1_555 -0.054 -0.190 0.180  -0.565 -7.886 -3.232 6  A_DT6:DA19_B  A 6  ? B 19 ? 20 1 
1 A DA 7  1_555 B DT 6  1_555 0.305  -0.283 0.443  -0.476 -3.694 -3.449 7  A_DA7:DT18_B  A 7  ? B 18 ? 20 1 
1 A DC 8  1_555 B DG 5  1_555 0.183  0.174  0.087  -4.820 -8.148 1.652  8  A_DC8:DG17_B  A 8  ? B 17 ? 19 1 
1 A DC 9  1_555 B DG 4  1_555 0.092  -0.066 0.208  -1.072 -8.980 1.858  9  A_DC9:DG16_B  A 9  ? B 16 ? 19 1 
1 A DG 10 1_555 B DC 3  1_555 -0.123 -0.266 0.156  -6.115 -5.597 -5.596 10 A_DG10:DC15_B A 10 ? B 15 ? 19 1 
1 A DG 11 1_555 B DC 2  1_555 0.388  -0.240 0.230  -3.160 -8.175 -1.826 11 A_DG11:DC14_B A 11 ? B 14 ? 19 1 
1 A DT 12 1_555 B DA 1  1_555 0.086  -0.425 0.370  -4.583 -5.979 -2.640 12 A_DT12:DA13_B A 12 ? B 13 ? 20 1 
# 
loop_
_ndb_struct_na_base_pair_step.model_number 
_ndb_struct_na_base_pair_step.i_label_asym_id_1 
_ndb_struct_na_base_pair_step.i_label_comp_id_1 
_ndb_struct_na_base_pair_step.i_label_seq_id_1 
_ndb_struct_na_base_pair_step.i_symmetry_1 
_ndb_struct_na_base_pair_step.j_label_asym_id_1 
_ndb_struct_na_base_pair_step.j_label_comp_id_1 
_ndb_struct_na_base_pair_step.j_label_seq_id_1 
_ndb_struct_na_base_pair_step.j_symmetry_1 
_ndb_struct_na_base_pair_step.i_label_asym_id_2 
_ndb_struct_na_base_pair_step.i_label_comp_id_2 
_ndb_struct_na_base_pair_step.i_label_seq_id_2 
_ndb_struct_na_base_pair_step.i_symmetry_2 
_ndb_struct_na_base_pair_step.j_label_asym_id_2 
_ndb_struct_na_base_pair_step.j_label_comp_id_2 
_ndb_struct_na_base_pair_step.j_label_seq_id_2 
_ndb_struct_na_base_pair_step.j_symmetry_2 
_ndb_struct_na_base_pair_step.shift 
_ndb_struct_na_base_pair_step.slide 
_ndb_struct_na_base_pair_step.rise 
_ndb_struct_na_base_pair_step.tilt 
_ndb_struct_na_base_pair_step.roll 
_ndb_struct_na_base_pair_step.twist 
_ndb_struct_na_base_pair_step.x_displacement 
_ndb_struct_na_base_pair_step.y_displacement 
_ndb_struct_na_base_pair_step.helical_rise 
_ndb_struct_na_base_pair_step.inclination 
_ndb_struct_na_base_pair_step.tip 
_ndb_struct_na_base_pair_step.helical_twist 
_ndb_struct_na_base_pair_step.step_number 
_ndb_struct_na_base_pair_step.step_name 
_ndb_struct_na_base_pair_step.i_auth_asym_id_1 
_ndb_struct_na_base_pair_step.i_auth_seq_id_1 
_ndb_struct_na_base_pair_step.i_PDB_ins_code_1 
_ndb_struct_na_base_pair_step.j_auth_asym_id_1 
_ndb_struct_na_base_pair_step.j_auth_seq_id_1 
_ndb_struct_na_base_pair_step.j_PDB_ins_code_1 
_ndb_struct_na_base_pair_step.i_auth_asym_id_2 
_ndb_struct_na_base_pair_step.i_auth_seq_id_2 
_ndb_struct_na_base_pair_step.i_PDB_ins_code_2 
_ndb_struct_na_base_pair_step.j_auth_asym_id_2 
_ndb_struct_na_base_pair_step.j_auth_seq_id_2 
_ndb_struct_na_base_pair_step.j_PDB_ins_code_2 
1 A DA 1  1_555 B DT 12 1_555 A DC 2  1_555 B DG 11 1_555 0.045  -0.693 3.427 -0.783 -0.609 32.589 -1.123 -0.224 3.437 -1.085 
1.395  32.603 1  AA_DA1DC2:DG23DT24_BB   A 1  ? B 24 ? A 2  ? B 23 ? 
1 A DC 2  1_555 B DG 11 1_555 A DC 3  1_555 B DG 10 1_555 0.733  0.281  3.432 2.557  5.861  37.768 -0.353 -0.776 3.476 8.975  
-3.916 38.286 2  AA_DC2DC3:DG22DG23_BB   A 2  ? B 23 ? A 3  ? B 22 ? 
1 A DC 3  1_555 B DG 10 1_555 A DG 4  1_555 B DC 9  1_555 -0.444 0.979  3.353 0.629  -0.651 34.312 1.763  0.854  3.326 -1.103 
-1.066 34.324 3  AA_DC3DG4:DC21DG22_BB   A 3  ? B 22 ? A 4  ? B 21 ? 
1 A DG 4  1_555 B DC 9  1_555 A DG 5  1_555 B DC 8  1_555 0.498  0.270  3.452 -0.063 2.446  35.876 0.068  -0.817 3.461 3.965  
0.102  35.956 4  AA_DG4DG5:DC20DC21_BB   A 4  ? B 21 ? A 5  ? B 20 ? 
1 A DG 5  1_555 B DC 8  1_555 A DT 6  1_555 B DA 7  1_555 -0.076 -0.731 3.208 -0.449 3.432  32.741 -1.858 0.060  3.118 6.068  
0.794  32.918 5  AA_DG5DT6:DA19DC20_BB   A 5  ? B 20 ? A 6  ? B 19 ? 
1 A DT 6  1_555 B DA 7  1_555 A DA 7  1_555 B DT 6  1_555 -0.267 -0.682 3.243 -3.619 2.655  34.139 -1.562 -0.105 3.193 4.498  
6.131  34.424 6  AA_DT6DA7:DT18DA19_BB   A 6  ? B 19 ? A 7  ? B 18 ? 
1 A DA 7  1_555 B DT 6  1_555 A DC 8  1_555 B DG 5  1_555 0.098  -0.720 3.467 2.760  2.243  32.528 -1.687 0.328  3.408 3.989  
-4.908 32.717 7  AA_DA7DC8:DG17DT18_BB   A 7  ? B 18 ? A 8  ? B 17 ? 
1 A DC 8  1_555 B DG 5  1_555 A DC 9  1_555 B DG 4  1_555 0.195  -0.385 3.271 1.149  2.590  36.281 -0.975 -0.153 3.241 4.151  
-1.842 36.387 8  AA_DC8DC9:DG16DG17_BB   A 8  ? B 17 ? A 9  ? B 16 ? 
1 A DC 9  1_555 B DG 4  1_555 A DG 10 1_555 B DC 3  1_555 -0.572 1.267  3.491 -1.755 0.940  37.688 1.829  0.641  3.543 1.454  
2.715  37.739 9  AA_DC9DG10:DC15DG16_BB  A 9  ? B 16 ? A 10 ? B 15 ? 
1 A DG 10 1_555 B DC 3  1_555 A DG 11 1_555 B DC 2  1_555 -0.068 -0.219 3.243 -2.430 2.944  37.473 -0.718 -0.207 3.215 4.569  
3.771  37.660 10 AA_DG10DG11:DC14DC15_BB A 10 ? B 15 ? A 11 ? B 14 ? 
1 A DG 11 1_555 B DC 2  1_555 A DT 12 1_555 B DA 1  1_555 -0.294 -0.610 3.287 -0.987 0.532  29.257 -1.322 0.367  3.283 1.053  
1.953  29.278 11 AA_DG11DT12:DA13DC14_BB A 11 ? B 14 ? A 12 ? B 13 ? 
# 
_pdbx_initial_refinement_model.accession_code   ? 
_pdbx_initial_refinement_model.id               1 
_pdbx_initial_refinement_model.entity_id_list   ? 
_pdbx_initial_refinement_model.type             'in silico model' 
_pdbx_initial_refinement_model.source_name      Other 
_pdbx_initial_refinement_model.details          'IDEAL B-DNA' 
# 
_atom_sites.entry_id                    425D 
_atom_sites.fract_transf_matrix[1][1]   -0.01000303 
_atom_sites.fract_transf_matrix[1][2]   0.01760100 
_atom_sites.fract_transf_matrix[1][3]   0.01444683 
_atom_sites.fract_transf_matrix[2][1]   0.01153386 
_atom_sites.fract_transf_matrix[2][2]   -0.00968896 
_atom_sites.fract_transf_matrix[2][3]   0.01979042 
_atom_sites.fract_transf_matrix[3][1]   0.01371135 
_atom_sites.fract_transf_matrix[3][2]   0.01023753 
_atom_sites.fract_transf_matrix[3][3]   -0.00297890 
_atom_sites.fract_transf_vector[1]      0.050092 
_atom_sites.fract_transf_vector[2]      0.784340 
_atom_sites.fract_transf_vector[3]      0.007294 
# 
loop_
_atom_type.symbol 
C 
N 
O 
P 
# 
loop_
_atom_site.group_PDB 
_atom_site.id 
_atom_site.type_symbol 
_atom_site.label_atom_id 
_atom_site.label_alt_id 
_atom_site.label_comp_id 
_atom_site.label_asym_id 
_atom_site.label_entity_id 
_atom_site.label_seq_id 
_atom_site.pdbx_PDB_ins_code 
_atom_site.Cartn_x 
_atom_site.Cartn_y 
_atom_site.Cartn_z 
_atom_site.occupancy 
_atom_site.B_iso_or_equiv 
_atom_site.pdbx_formal_charge 
_atom_site.auth_seq_id 
_atom_site.auth_comp_id 
_atom_site.auth_asym_id 
_atom_site.auth_atom_id 
_atom_site.pdbx_PDB_model_num 
ATOM   1   O "O5'" . DA  A 1 1  ? -15.525 10.101  8.992   1.00 30.21 ? 1  DA  A "O5'" 1 
ATOM   2   C "C5'" . DA  A 1 1  ? -15.634 11.487  8.925   1.00 27.63 ? 1  DA  A "C5'" 1 
ATOM   3   C "C4'" . DA  A 1 1  ? -14.721 12.026  7.853   1.00 30.66 ? 1  DA  A "C4'" 1 
ATOM   4   O "O4'" . DA  A 1 1  ? -13.439 12.413  8.375   1.00 30.73 ? 1  DA  A "O4'" 1 
ATOM   5   C "C3'" . DA  A 1 1  ? -14.433 11.112  6.673   1.00 33.64 ? 1  DA  A "C3'" 1 
ATOM   6   O "O3'" . DA  A 1 1  ? -14.549 11.938  5.505   1.00 37.97 ? 1  DA  A "O3'" 1 
ATOM   7   C "C2'" . DA  A 1 1  ? -13.003 10.631  6.943   1.00 30.36 ? 1  DA  A "C2'" 1 
ATOM   8   C "C1'" . DA  A 1 1  ? -12.374 11.806  7.668   1.00 23.71 ? 1  DA  A "C1'" 1 
ATOM   9   N N9    . DA  A 1 1  ? -11.379 11.506  8.693   1.00 23.76 ? 1  DA  A N9    1 
ATOM   10  C C8    . DA  A 1 1  ? -11.431 10.503  9.638   1.00 20.40 ? 1  DA  A C8    1 
ATOM   11  N N7    . DA  A 1 1  ? -10.429 10.532  10.493  1.00 16.55 ? 1  DA  A N7    1 
ATOM   12  C C5    . DA  A 1 1  ? -9.661  11.612  10.074  1.00 12.54 ? 1  DA  A C5    1 
ATOM   13  C C6    . DA  A 1 1  ? -8.459  12.159  10.563  1.00 14.02 ? 1  DA  A C6    1 
ATOM   14  N N6    . DA  A 1 1  ? -7.801  11.663  11.620  1.00 8.03  ? 1  DA  A N6    1 
ATOM   15  N N1    . DA  A 1 1  ? -7.944  13.239  9.914   1.00 10.83 ? 1  DA  A N1    1 
ATOM   16  C C2    . DA  A 1 1  ? -8.605  13.722  8.851   1.00 11.52 ? 1  DA  A C2    1 
ATOM   17  N N3    . DA  A 1 1  ? -9.745  13.288  8.297   1.00 16.46 ? 1  DA  A N3    1 
ATOM   18  C C4    . DA  A 1 1  ? -10.226 12.218  8.962   1.00 17.74 ? 1  DA  A C4    1 
ATOM   19  P P     . DC  A 1 2  ? -14.302 11.320  4.048   1.00 39.27 ? 2  DC  A P     1 
ATOM   20  O OP1   . DC  A 1 2  ? -15.022 12.150  3.031   1.00 39.79 ? 2  DC  A OP1   1 
ATOM   21  O OP2   . DC  A 1 2  ? -14.578 9.861   4.144   1.00 36.37 ? 2  DC  A OP2   1 
ATOM   22  O "O5'" . DC  A 1 2  ? -12.765 11.662  3.853   1.00 34.60 ? 2  DC  A "O5'" 1 
ATOM   23  C "C5'" . DC  A 1 2  ? -12.359 12.994  4.028   1.00 30.60 ? 2  DC  A "C5'" 1 
ATOM   24  C "C4'" . DC  A 1 2  ? -10.884 13.136  3.783   1.00 30.81 ? 2  DC  A "C4'" 1 
ATOM   25  O "O4'" . DC  A 1 2  ? -10.144 12.769  4.969   1.00 33.16 ? 2  DC  A "O4'" 1 
ATOM   26  C "C3'" . DC  A 1 2  ? -10.307 12.315  2.640   1.00 31.13 ? 2  DC  A "C3'" 1 
ATOM   27  O "O3'" . DC  A 1 2  ? -9.545  13.197  1.824   1.00 36.00 ? 2  DC  A "O3'" 1 
ATOM   28  C "C2'" . DC  A 1 2  ? -9.401  11.311  3.344   1.00 29.88 ? 2  DC  A "C2'" 1 
ATOM   29  C "C1'" . DC  A 1 2  ? -8.979  12.066  4.592   1.00 26.35 ? 2  DC  A "C1'" 1 
ATOM   30  N N1    . DC  A 1 2  ? -8.561  11.265  5.763   1.00 18.77 ? 2  DC  A N1    1 
ATOM   31  C C2    . DC  A 1 2  ? -7.370  11.608  6.448   1.00 16.14 ? 2  DC  A C2    1 
ATOM   32  O O2    . DC  A 1 2  ? -6.682  12.560  6.039   1.00 12.60 ? 2  DC  A O2    1 
ATOM   33  N N3    . DC  A 1 2  ? -7.007  10.888  7.539   1.00 14.81 ? 2  DC  A N3    1 
ATOM   34  C C4    . DC  A 1 2  ? -7.777  9.863   7.948   1.00 20.67 ? 2  DC  A C4    1 
ATOM   35  N N4    . DC  A 1 2  ? -7.390  9.166   9.029   1.00 16.64 ? 2  DC  A N4    1 
ATOM   36  C C5    . DC  A 1 2  ? -8.977  9.498   7.266   1.00 16.34 ? 2  DC  A C5    1 
ATOM   37  C C6    . DC  A 1 2  ? -9.324  10.217  6.192   1.00 18.44 ? 2  DC  A C6    1 
ATOM   38  P P     . DC  A 1 3  ? -9.087  12.738  0.353   1.00 39.92 ? 3  DC  A P     1 
ATOM   39  O OP1   . DC  A 1 3  ? -9.133  13.897  -0.598  1.00 37.92 ? 3  DC  A OP1   1 
ATOM   40  O OP2   . DC  A 1 3  ? -9.853  11.486  0.034   1.00 35.91 ? 3  DC  A OP2   1 
ATOM   41  O "O5'" . DC  A 1 3  ? -7.547  12.464  0.618   1.00 36.26 ? 3  DC  A "O5'" 1 
ATOM   42  C "C5'" . DC  A 1 3  ? -6.767  13.488  1.221   1.00 35.50 ? 3  DC  A "C5'" 1 
ATOM   43  C "C4'" . DC  A 1 3  ? -5.343  13.026  1.384   1.00 36.32 ? 3  DC  A "C4'" 1 
ATOM   44  O "O4'" . DC  A 1 3  ? -5.133  12.277  2.614   1.00 33.77 ? 3  DC  A "O4'" 1 
ATOM   45  C "C3'" . DC  A 1 3  ? -4.877  12.126  0.253   1.00 35.24 ? 3  DC  A "C3'" 1 
ATOM   46  O "O3'" . DC  A 1 3  ? -3.562  12.521  -0.040  1.00 38.04 ? 3  DC  A "O3'" 1 
ATOM   47  C "C2'" . DC  A 1 3  ? -4.905  10.739  0.868   1.00 33.00 ? 3  DC  A "C2'" 1 
ATOM   48  C "C1'" . DC  A 1 3  ? -4.552  11.021  2.322   1.00 28.06 ? 3  DC  A "C1'" 1 
ATOM   49  N N1    . DC  A 1 3  ? -5.123  10.052  3.263   1.00 20.90 ? 3  DC  A N1    1 
ATOM   50  C C2    . DC  A 1 3  ? -4.407  9.719   4.450   1.00 17.85 ? 3  DC  A C2    1 
ATOM   51  O O2    . DC  A 1 3  ? -3.297  10.255  4.667   1.00 16.71 ? 3  DC  A O2    1 
ATOM   52  N N3    . DC  A 1 3  ? -4.951  8.828   5.317   1.00 8.59  ? 3  DC  A N3    1 
ATOM   53  C C4    . DC  A 1 3  ? -6.145  8.281   5.043   1.00 16.15 ? 3  DC  A C4    1 
ATOM   54  N N4    . DC  A 1 3  ? -6.658  7.408   5.925   1.00 15.90 ? 3  DC  A N4    1 
ATOM   55  C C5    . DC  A 1 3  ? -6.877  8.598   3.848   1.00 14.11 ? 3  DC  A C5    1 
ATOM   56  C C6    . DC  A 1 3  ? -6.335  9.479   3.000   1.00 13.70 ? 3  DC  A C6    1 
ATOM   57  P P     . DG  A 1 4  ? -2.842  11.967  -1.339  1.00 41.36 ? 4  DG  A P     1 
ATOM   58  O OP1   . DG  A 1 4  ? -2.778  13.090  -2.313  1.00 39.03 ? 4  DG  A OP1   1 
ATOM   59  O OP2   . DG  A 1 4  ? -3.479  10.671  -1.718  1.00 40.60 ? 4  DG  A OP2   1 
ATOM   60  O "O5'" . DG  A 1 4  ? -1.384  11.709  -0.784  1.00 37.92 ? 4  DG  A "O5'" 1 
ATOM   61  C "C5'" . DG  A 1 4  ? -0.718  12.749  -0.102  1.00 34.00 ? 4  DG  A "C5'" 1 
ATOM   62  C "C4'" . DG  A 1 4  ? 0.373   12.164  0.743   1.00 33.89 ? 4  DG  A "C4'" 1 
ATOM   63  O "O4'" . DG  A 1 4  ? -0.224  11.246  1.687   1.00 36.51 ? 4  DG  A "O4'" 1 
ATOM   64  C "C3'" . DG  A 1 4  ? 1.346   11.337  -0.064  1.00 34.60 ? 4  DG  A "C3'" 1 
ATOM   65  O "O3'" . DG  A 1 4  ? 2.606   11.511  0.524   1.00 40.29 ? 4  DG  A "O3'" 1 
ATOM   66  C "C2'" . DG  A 1 4  ? 0.851   9.910   0.109   1.00 33.72 ? 4  DG  A "C2'" 1 
ATOM   67  C "C1'" . DG  A 1 4  ? 0.258   9.926   1.500   1.00 29.98 ? 4  DG  A "C1'" 1 
ATOM   68  N N9    . DG  A 1 4  ? -0.866  9.014   1.724   1.00 23.23 ? 4  DG  A N9    1 
ATOM   69  C C8    . DG  A 1 4  ? -1.921  8.766   0.874   1.00 21.53 ? 4  DG  A C8    1 
ATOM   70  N N7    . DG  A 1 4  ? -2.778  7.902   1.363   1.00 19.41 ? 4  DG  A N7    1 
ATOM   71  C C5    . DG  A 1 4  ? -2.256  7.560   2.607   1.00 13.35 ? 4  DG  A C5    1 
ATOM   72  C C6    . DG  A 1 4  ? -2.743  6.647   3.594   1.00 14.68 ? 4  DG  A C6    1 
ATOM   73  O O6    . DG  A 1 4  ? -3.779  5.940   3.564   1.00 12.65 ? 4  DG  A O6    1 
ATOM   74  N N1    . DG  A 1 4  ? -1.895  6.590   4.703   1.00 8.72  ? 4  DG  A N1    1 
ATOM   75  C C2    . DG  A 1 4  ? -0.733  7.327   4.844   1.00 14.09 ? 4  DG  A C2    1 
ATOM   76  N N2    . DG  A 1 4  ? -0.037  7.143   5.998   1.00 9.27  ? 4  DG  A N2    1 
ATOM   77  N N3    . DG  A 1 4  ? -0.278  8.182   3.930   1.00 10.45 ? 4  DG  A N3    1 
ATOM   78  C C4    . DG  A 1 4  ? -1.079  8.240   2.847   1.00 15.32 ? 4  DG  A C4    1 
ATOM   79  P P     . DG  A 1 5  ? 3.898   10.997  -0.245  1.00 48.72 ? 5  DG  A P     1 
ATOM   80  O OP1   . DG  A 1 5  ? 4.931   12.077  -0.192  1.00 48.47 ? 5  DG  A OP1   1 
ATOM   81  O OP2   . DG  A 1 5  ? 3.442   10.461  -1.564  1.00 48.69 ? 5  DG  A OP2   1 
ATOM   82  O "O5'" . DG  A 1 5  ? 4.365   9.819   0.701   1.00 43.67 ? 5  DG  A "O5'" 1 
ATOM   83  C "C5'" . DG  A 1 5  ? 4.617   10.114  2.051   1.00 44.15 ? 5  DG  A "C5'" 1 
ATOM   84  C "C4'" . DG  A 1 5  ? 4.677   8.846   2.856   1.00 43.48 ? 5  DG  A "C4'" 1 
ATOM   85  O "O4'" . DG  A 1 5  ? 3.364   8.244   2.890   1.00 42.11 ? 5  DG  A "O4'" 1 
ATOM   86  C "C3'" . DG  A 1 5  ? 5.615   7.800   2.268   1.00 42.85 ? 5  DG  A "C3'" 1 
ATOM   87  O "O3'" . DG  A 1 5  ? 6.417   7.269   3.305   1.00 45.70 ? 5  DG  A "O3'" 1 
ATOM   88  C "C2'" . DG  A 1 5  ? 4.682   6.736   1.725   1.00 40.60 ? 5  DG  A "C2'" 1 
ATOM   89  C "C1'" . DG  A 1 5  ? 3.477   6.872   2.619   1.00 33.84 ? 5  DG  A "C1'" 1 
ATOM   90  N N9    . DG  A 1 5  ? 2.223   6.437   2.021   1.00 24.39 ? 5  DG  A N9    1 
ATOM   91  C C8    . DG  A 1 5  ? 1.660   6.830   0.830   1.00 23.13 ? 5  DG  A C8    1 
ATOM   92  N N7    . DG  A 1 5  ? 0.522   6.230   0.584   1.00 17.31 ? 5  DG  A N7    1 
ATOM   93  C C5    . DG  A 1 5  ? 0.335   5.405   1.678   1.00 13.02 ? 5  DG  A C5    1 
ATOM   94  C C6    . DG  A 1 5  ? -0.709  4.519   1.973   1.00 17.25 ? 5  DG  A C6    1 
ATOM   95  O O6    . DG  A 1 5  ? -1.725  4.286   1.298   1.00 23.37 ? 5  DG  A O6    1 
ATOM   96  N N1    . DG  A 1 5  ? -0.507  3.869   3.196   1.00 12.24 ? 5  DG  A N1    1 
ATOM   97  C C2    . DG  A 1 5  ? 0.577   4.080   4.026   1.00 13.89 ? 5  DG  A C2    1 
ATOM   98  N N2    . DG  A 1 5  ? 0.598   3.403   5.177   1.00 5.31  ? 5  DG  A N2    1 
ATOM   99  N N3    . DG  A 1 5  ? 1.569   4.907   3.748   1.00 10.04 ? 5  DG  A N3    1 
ATOM   100 C C4    . DG  A 1 5  ? 1.379   5.528   2.571   1.00 16.20 ? 5  DG  A C4    1 
ATOM   101 P P     . DT  A 1 6  ? 7.773   6.498   2.935   1.00 50.42 ? 6  DT  A P     1 
ATOM   102 O OP1   . DT  A 1 6  ? 8.887   7.008   3.803   1.00 47.45 ? 6  DT  A OP1   1 
ATOM   103 O OP2   . DT  A 1 6  ? 7.912   6.533   1.446   1.00 50.08 ? 6  DT  A OP2   1 
ATOM   104 O "O5'" . DT  A 1 6  ? 7.420   5.024   3.391   1.00 45.57 ? 6  DT  A "O5'" 1 
ATOM   105 C "C5'" . DT  A 1 6  ? 6.893   4.824   4.674   1.00 41.20 ? 6  DT  A "C5'" 1 
ATOM   106 C "C4'" . DT  A 1 6  ? 6.175   3.506   4.736   1.00 39.42 ? 6  DT  A "C4'" 1 
ATOM   107 O "O4'" . DT  A 1 6  ? 4.900   3.509   4.038   1.00 38.84 ? 6  DT  A "O4'" 1 
ATOM   108 C "C3'" . DT  A 1 6  ? 6.974   2.344   4.167   1.00 39.17 ? 6  DT  A "C3'" 1 
ATOM   109 O "O3'" . DT  A 1 6  ? 7.035   1.372   5.186   1.00 42.19 ? 6  DT  A "O3'" 1 
ATOM   110 C "C2'" . DT  A 1 6  ? 6.118   1.838   3.014   1.00 36.81 ? 6  DT  A "C2'" 1 
ATOM   111 C "C1'" . DT  A 1 6  ? 4.724   2.223   3.476   1.00 31.66 ? 6  DT  A "C1'" 1 
ATOM   112 N N1    . DT  A 1 6  ? 3.693   2.312   2.425   1.00 20.75 ? 6  DT  A N1    1 
ATOM   113 C C2    . DT  A 1 6  ? 2.549   1.570   2.584   1.00 18.31 ? 6  DT  A C2    1 
ATOM   114 O O2    . DT  A 1 6  ? 2.359   0.853   3.545   1.00 20.14 ? 6  DT  A O2    1 
ATOM   115 N N3    . DT  A 1 6  ? 1.628   1.696   1.573   1.00 16.28 ? 6  DT  A N3    1 
ATOM   116 C C4    . DT  A 1 6  ? 1.746   2.482   0.444   1.00 17.95 ? 6  DT  A C4    1 
ATOM   117 O O4    . DT  A 1 6  ? 0.844   2.507   -0.383  1.00 18.79 ? 6  DT  A O4    1 
ATOM   118 C C5    . DT  A 1 6  ? 2.975   3.233   0.343   1.00 14.86 ? 6  DT  A C5    1 
ATOM   119 C C7    . DT  A 1 6  ? 3.191   4.106   -0.846  1.00 7.23  ? 6  DT  A C7    1 
ATOM   120 C C6    . DT  A 1 6  ? 3.874   3.113   1.327   1.00 16.12 ? 6  DT  A C6    1 
ATOM   121 P P     . DA  A 1 7  ? 8.012   0.129   5.027   1.00 43.01 ? 7  DA  A P     1 
ATOM   122 O OP1   . DA  A 1 7  ? 8.713   -0.117  6.326   1.00 40.42 ? 7  DA  A OP1   1 
ATOM   123 O OP2   . DA  A 1 7  ? 8.798   0.326   3.762   1.00 41.57 ? 7  DA  A OP2   1 
ATOM   124 O "O5'" . DA  A 1 7  ? 6.949   -1.023  4.887   1.00 40.04 ? 7  DA  A "O5'" 1 
ATOM   125 C "C5'" . DA  A 1 7  ? 6.058   -1.231  5.949   1.00 40.22 ? 7  DA  A "C5'" 1 
ATOM   126 C "C4'" . DA  A 1 7  ? 5.153   -2.378  5.617   1.00 39.79 ? 7  DA  A "C4'" 1 
ATOM   127 O "O4'" . DA  A 1 7  ? 4.204   -1.934  4.633   1.00 36.47 ? 7  DA  A "O4'" 1 
ATOM   128 C "C3'" . DA  A 1 7  ? 5.924   -3.532  4.987   1.00 41.48 ? 7  DA  A "C3'" 1 
ATOM   129 O "O3'" . DA  A 1 7  ? 5.433   -4.753  5.512   1.00 45.16 ? 7  DA  A "O3'" 1 
ATOM   130 C "C2'" . DA  A 1 7  ? 5.604   -3.409  3.512   1.00 38.15 ? 7  DA  A "C2'" 1 
ATOM   131 C "C1'" . DA  A 1 7  ? 4.210   -2.827  3.560   1.00 33.49 ? 7  DA  A "C1'" 1 
ATOM   132 N N9    . DA  A 1 7  ? 3.825   -2.089  2.365   1.00 28.95 ? 7  DA  A N9    1 
ATOM   133 C C8    . DA  A 1 7  ? 4.498   -1.107  1.682   1.00 29.25 ? 7  DA  A C8    1 
ATOM   134 N N7    . DA  A 1 7  ? 3.866   -0.695  0.602   1.00 27.46 ? 7  DA  A N7    1 
ATOM   135 C C5    . DA  A 1 7  ? 2.701   -1.450  0.595   1.00 20.28 ? 7  DA  A C5    1 
ATOM   136 C C6    . DA  A 1 7  ? 1.617   -1.490  -0.276  1.00 18.88 ? 7  DA  A C6    1 
ATOM   137 N N6    . DA  A 1 7  ? 1.514   -0.716  -1.345  1.00 17.16 ? 7  DA  A N6    1 
ATOM   138 N N1    . DA  A 1 7  ? 0.619   -2.359  -0.004  1.00 21.87 ? 7  DA  A N1    1 
ATOM   139 C C2    . DA  A 1 7  ? 0.717   -3.128  1.093   1.00 23.13 ? 7  DA  A C2    1 
ATOM   140 N N3    . DA  A 1 7  ? 1.686   -3.172  1.995   1.00 19.86 ? 7  DA  A N3    1 
ATOM   141 C C4    . DA  A 1 7  ? 2.658   -2.302  1.679   1.00 21.75 ? 7  DA  A C4    1 
ATOM   142 P P     . DC  A 1 8  ? 6.345   -6.059  5.445   1.00 46.11 ? 8  DC  A P     1 
ATOM   143 O OP1   . DC  A 1 8  ? 6.427   -6.632  6.827   1.00 46.29 ? 8  DC  A OP1   1 
ATOM   144 O OP2   . DC  A 1 8  ? 7.596   -5.690  4.702   1.00 42.49 ? 8  DC  A OP2   1 
ATOM   145 O "O5'" . DC  A 1 8  ? 5.393   -7.030  4.636   1.00 43.39 ? 8  DC  A "O5'" 1 
ATOM   146 C "C5'" . DC  A 1 8  ? 4.146   -7.371  5.208   1.00 40.63 ? 8  DC  A "C5'" 1 
ATOM   147 C "C4'" . DC  A 1 8  ? 3.166   -7.766  4.134   1.00 40.22 ? 8  DC  A "C4'" 1 
ATOM   148 O "O4'" . DC  A 1 8  ? 2.961   -6.677  3.197   1.00 37.48 ? 8  DC  A "O4'" 1 
ATOM   149 C "C3'" . DC  A 1 8  ? 3.612   -8.963  3.301   1.00 41.08 ? 8  DC  A "C3'" 1 
ATOM   150 O "O3'" . DC  A 1 8  ? 2.537   -9.870  3.231   1.00 44.64 ? 8  DC  A "O3'" 1 
ATOM   151 C "C2'" . DC  A 1 8  ? 3.864   -8.382  1.921   1.00 36.40 ? 8  DC  A "C2'" 1 
ATOM   152 C "C1'" . DC  A 1 8  ? 2.886   -7.229  1.902   1.00 31.66 ? 8  DC  A "C1'" 1 
ATOM   153 N N1    . DC  A 1 8  ? 3.207   -6.188  0.919   1.00 21.15 ? 8  DC  A N1    1 
ATOM   154 C C2    . DC  A 1 8  ? 2.284   -5.922  -0.092  1.00 17.79 ? 8  DC  A C2    1 
ATOM   155 O O2    . DC  A 1 8  ? 1.200   -6.535  -0.092  1.00 16.42 ? 8  DC  A O2    1 
ATOM   156 N N3    . DC  A 1 8  ? 2.582   -5.006  -1.040  1.00 19.18 ? 8  DC  A N3    1 
ATOM   157 C C4    . DC  A 1 8  ? 3.749   -4.350  -0.993  1.00 20.55 ? 8  DC  A C4    1 
ATOM   158 N N4    . DC  A 1 8  ? 4.005   -3.437  -1.955  1.00 22.14 ? 8  DC  A N4    1 
ATOM   159 C C5    . DC  A 1 8  ? 4.701   -4.590  0.040   1.00 17.98 ? 8  DC  A C5    1 
ATOM   160 C C6    . DC  A 1 8  ? 4.389   -5.509  0.971   1.00 19.01 ? 8  DC  A C6    1 
ATOM   161 P P     . DC  A 1 9  ? 2.804   -11.363 2.743   1.00 48.07 ? 9  DC  A P     1 
ATOM   162 O OP1   . DC  A 1 9  ? 2.121   -12.293 3.689   1.00 46.72 ? 9  DC  A OP1   1 
ATOM   163 O OP2   . DC  A 1 9  ? 4.257   -11.534 2.428   1.00 47.54 ? 9  DC  A OP2   1 
ATOM   164 O "O5'" . DC  A 1 9  ? 1.998   -11.376 1.383   1.00 46.85 ? 9  DC  A "O5'" 1 
ATOM   165 C "C5'" . DC  A 1 9  ? 0.643   -10.961 1.357   1.00 42.37 ? 9  DC  A "C5'" 1 
ATOM   166 C "C4'" . DC  A 1 9  ? 0.112   -11.142 -0.035  1.00 38.72 ? 9  DC  A "C4'" 1 
ATOM   167 O "O4'" . DC  A 1 9  ? 0.510   -10.004 -0.839  1.00 35.07 ? 9  DC  A "O4'" 1 
ATOM   168 C "C3'" . DC  A 1 9  ? 0.781   -12.356 -0.664  1.00 39.86 ? 9  DC  A "C3'" 1 
ATOM   169 O "O3'" . DC  A 1 9  ? -0.156  -13.071 -1.442  1.00 45.06 ? 9  DC  A "O3'" 1 
ATOM   170 C "C2'" . DC  A 1 9  ? 1.873   -11.755 -1.525  1.00 36.56 ? 9  DC  A "C2'" 1 
ATOM   171 C "C1'" . DC  A 1 9  ? 1.244   -10.450 -1.956  1.00 29.36 ? 9  DC  A "C1'" 1 
ATOM   172 N N1    . DC  A 1 9  ? 2.228   -9.417  -2.324  1.00 21.21 ? 9  DC  A N1    1 
ATOM   173 C C2    . DC  A 1 9  ? 1.933   -8.540  -3.400  1.00 20.52 ? 9  DC  A C2    1 
ATOM   174 O O2    . DC  A 1 9  ? 0.829   -8.642  -4.001  1.00 19.64 ? 9  DC  A O2    1 
ATOM   175 N N3    . DC  A 1 9  ? 2.853   -7.614  -3.759  1.00 14.07 ? 9  DC  A N3    1 
ATOM   176 C C4    . DC  A 1 9  ? 4.010   -7.531  -3.101  1.00 13.85 ? 9  DC  A C4    1 
ATOM   177 N N4    . DC  A 1 9  ? 4.873   -6.589  -3.490  1.00 15.80 ? 9  DC  A N4    1 
ATOM   178 C C5    . DC  A 1 9  ? 4.331   -8.401  -2.018  1.00 11.72 ? 9  DC  A C5    1 
ATOM   179 C C6    . DC  A 1 9  ? 3.415   -9.317  -1.661  1.00 13.39 ? 9  DC  A C6    1 
ATOM   180 P P     . DG  A 1 10 ? -0.039  -14.665 -1.564  1.00 49.76 ? 10 DG  A P     1 
ATOM   181 O OP1   . DG  A 1 10 ? -0.915  -15.247 -0.497  1.00 49.19 ? 10 DG  A OP1   1 
ATOM   182 O OP2   . DG  A 1 10 ? 1.402   -15.079 -1.663  1.00 46.17 ? 10 DG  A OP2   1 
ATOM   183 O "O5'" . DG  A 1 10 ? -0.747  -14.897 -2.965  1.00 47.17 ? 10 DG  A "O5'" 1 
ATOM   184 C "C5'" . DG  A 1 10 ? -2.051  -14.387 -3.154  1.00 43.14 ? 10 DG  A "C5'" 1 
ATOM   185 C "C4'" . DG  A 1 10 ? -2.185  -13.851 -4.552  1.00 41.88 ? 10 DG  A "C4'" 1 
ATOM   186 O "O4'" . DG  A 1 10 ? -1.288  -12.723 -4.764  1.00 40.61 ? 10 DG  A "O4'" 1 
ATOM   187 C "C3'" . DG  A 1 10 ? -1.812  -14.885 -5.597  1.00 40.21 ? 10 DG  A "C3'" 1 
ATOM   188 O "O3'" . DG  A 1 10 ? -2.714  -14.728 -6.674  1.00 40.54 ? 10 DG  A "O3'" 1 
ATOM   189 C "C2'" . DG  A 1 10 ? -0.403  -14.485 -6.005  1.00 39.06 ? 10 DG  A "C2'" 1 
ATOM   190 C "C1'" . DG  A 1 10 ? -0.446  -12.969 -5.880  1.00 34.31 ? 10 DG  A "C1'" 1 
ATOM   191 N N9    . DG  A 1 10 ? 0.856   -12.374 -5.598  1.00 22.51 ? 10 DG  A N9    1 
ATOM   192 C C8    . DG  A 1 10 ? 1.708   -12.750 -4.594  1.00 17.75 ? 10 DG  A C8    1 
ATOM   193 N N7    . DG  A 1 10 ? 2.825   -12.063 -4.583  1.00 17.16 ? 10 DG  A N7    1 
ATOM   194 C C5    . DG  A 1 10 ? 2.698   -11.169 -5.640  1.00 11.70 ? 10 DG  A C5    1 
ATOM   195 C C6    . DG  A 1 10 ? 3.605   -10.164 -6.117  1.00 12.17 ? 10 DG  A C6    1 
ATOM   196 O O6    . DG  A 1 10 ? 4.718   -9.863  -5.687  1.00 10.36 ? 10 DG  A O6    1 
ATOM   197 N N1    . DG  A 1 10 ? 3.096   -9.493  -7.214  1.00 10.85 ? 10 DG  A N1    1 
ATOM   198 C C2    . DG  A 1 10 ? 1.879   -9.754  -7.786  1.00 16.19 ? 10 DG  A C2    1 
ATOM   199 N N2    . DG  A 1 10 ? 1.598   -9.005  -8.841  1.00 17.92 ? 10 DG  A N2    1 
ATOM   200 N N3    . DG  A 1 10 ? 1.012   -10.677 -7.356  1.00 11.27 ? 10 DG  A N3    1 
ATOM   201 C C4    . DG  A 1 10 ? 1.488   -11.343 -6.282  1.00 14.68 ? 10 DG  A C4    1 
ATOM   202 P P     . DG  A 1 11 ? -2.560  -15.656 -7.948  1.00 40.36 ? 11 DG  A P     1 
ATOM   203 O OP1   . DG  A 1 11 ? -3.924  -16.065 -8.377  1.00 39.32 ? 11 DG  A OP1   1 
ATOM   204 O OP2   . DG  A 1 11 ? -1.553  -16.689 -7.596  1.00 41.58 ? 11 DG  A OP2   1 
ATOM   205 O "O5'" . DG  A 1 11 ? -1.921  -14.659 -9.005  1.00 37.54 ? 11 DG  A "O5'" 1 
ATOM   206 C "C5'" . DG  A 1 11 ? -2.624  -13.495 -9.393  1.00 34.31 ? 11 DG  A "C5'" 1 
ATOM   207 C "C4'" . DG  A 1 11 ? -1.931  -12.853 -10.565 1.00 31.31 ? 11 DG  A "C4'" 1 
ATOM   208 O "O4'" . DG  A 1 11 ? -0.667  -12.289 -10.139 1.00 32.54 ? 11 DG  A "O4'" 1 
ATOM   209 C "C3'" . DG  A 1 11 ? -1.591  -13.860 -11.647 1.00 30.67 ? 11 DG  A "C3'" 1 
ATOM   210 O "O3'" . DG  A 1 11 ? -1.750  -13.253 -12.916 1.00 33.11 ? 11 DG  A "O3'" 1 
ATOM   211 C "C2'" . DG  A 1 11 ? -0.126  -14.174 -11.391 1.00 30.33 ? 11 DG  A "C2'" 1 
ATOM   212 C "C1'" . DG  A 1 11 ? 0.415   -12.868 -10.852 1.00 25.09 ? 11 DG  A "C1'" 1 
ATOM   213 N N9    . DG  A 1 11 ? 1.525   -13.015 -9.915  1.00 16.32 ? 11 DG  A N9    1 
ATOM   214 C C8    . DG  A 1 11 ? 1.605   -13.920 -8.883  1.00 11.66 ? 11 DG  A C8    1 
ATOM   215 N N7    . DG  A 1 11 ? 2.717   -13.813 -8.198  1.00 9.58  ? 11 DG  A N7    1 
ATOM   216 C C5    . DG  A 1 11 ? 3.408   -12.775 -8.819  1.00 4.83  ? 11 DG  A C5    1 
ATOM   217 C C6    . DG  A 1 11 ? 4.687   -12.197 -8.512  1.00 6.59  ? 11 DG  A C6    1 
ATOM   218 O O6    . DG  A 1 11 ? 5.471   -12.496 -7.598  1.00 8.87  ? 11 DG  A O6    1 
ATOM   219 N N1    . DG  A 1 11 ? 5.018   -11.174 -9.389  1.00 2.00  ? 11 DG  A N1    1 
ATOM   220 C C2    . DG  A 1 11 ? 4.222   -10.751 -10.416 1.00 9.57  ? 11 DG  A C2    1 
ATOM   221 N N2    . DG  A 1 11 ? 4.722   -9.743  -11.150 1.00 3.98  ? 11 DG  A N2    1 
ATOM   222 N N3    . DG  A 1 11 ? 3.019   -11.273 -10.711 1.00 6.93  ? 11 DG  A N3    1 
ATOM   223 C C4    . DG  A 1 11 ? 2.687   -12.274 -9.877  1.00 6.57  ? 11 DG  A C4    1 
ATOM   224 P P     . DT  A 1 12 ? -1.650  -14.153 -14.232 1.00 33.34 ? 12 DT  A P     1 
ATOM   225 O OP1   . DT  A 1 12 ? -2.711  -13.737 -15.192 1.00 31.52 ? 12 DT  A OP1   1 
ATOM   226 O OP2   . DT  A 1 12 ? -1.641  -15.557 -13.725 1.00 31.68 ? 12 DT  A OP2   1 
ATOM   227 O "O5'" . DT  A 1 12 ? -0.238  -13.699 -14.823 1.00 28.65 ? 12 DT  A "O5'" 1 
ATOM   228 C "C5'" . DT  A 1 12 ? -0.084  -12.388 -15.336 1.00 27.93 ? 12 DT  A "C5'" 1 
ATOM   229 C "C4'" . DT  A 1 12 ? 1.369   -12.061 -15.586 1.00 29.75 ? 12 DT  A "C4'" 1 
ATOM   230 O "O4'" . DT  A 1 12 ? 2.125   -12.162 -14.351 1.00 30.56 ? 12 DT  A "O4'" 1 
ATOM   231 C "C3'" . DT  A 1 12 ? 2.117   -12.910 -16.617 1.00 32.46 ? 12 DT  A "C3'" 1 
ATOM   232 O "O3'" . DT  A 1 12 ? 2.537   -12.151 -17.780 1.00 36.26 ? 12 DT  A "O3'" 1 
ATOM   233 C "C2'" . DT  A 1 12 ? 3.300   -13.483 -15.848 1.00 30.24 ? 12 DT  A "C2'" 1 
ATOM   234 C "C1'" . DT  A 1 12 ? 3.451   -12.529 -14.675 1.00 25.35 ? 12 DT  A "C1'" 1 
ATOM   235 N N1    . DT  A 1 12 ? 4.068   -13.150 -13.484 1.00 17.72 ? 12 DT  A N1    1 
ATOM   236 C C2    . DT  A 1 12 ? 5.309   -12.701 -13.056 1.00 15.49 ? 12 DT  A C2    1 
ATOM   237 O O2    . DT  A 1 12 ? 5.927   -11.789 -13.600 1.00 14.55 ? 12 DT  A O2    1 
ATOM   238 N N3    . DT  A 1 12 ? 5.806   -13.361 -11.960 1.00 12.19 ? 12 DT  A N3    1 
ATOM   239 C C4    . DT  A 1 12 ? 5.208   -14.397 -11.267 1.00 14.57 ? 12 DT  A C4    1 
ATOM   240 O O4    . DT  A 1 12 ? 5.786   -14.904 -10.293 1.00 16.44 ? 12 DT  A O4    1 
ATOM   241 C C5    . DT  A 1 12 ? 3.911   -14.802 -11.767 1.00 9.75  ? 12 DT  A C5    1 
ATOM   242 C C7    . DT  A 1 12 ? 3.186   -15.909 -11.083 1.00 7.03  ? 12 DT  A C7    1 
ATOM   243 C C6    . DT  A 1 12 ? 3.414   -14.166 -12.827 1.00 12.85 ? 12 DT  A C6    1 
ATOM   244 O "O5'" . DA  B 1 1  ? 15.706  -10.655 -8.126  1.00 39.03 ? 13 DA  B "O5'" 1 
ATOM   245 C "C5'" . DA  B 1 1  ? 15.866  -10.826 -9.523  1.00 32.88 ? 13 DA  B "C5'" 1 
ATOM   246 C "C4'" . DA  B 1 1  ? 14.834  -10.012 -10.262 1.00 29.61 ? 13 DA  B "C4'" 1 
ATOM   247 O "O4'" . DA  B 1 1  ? 13.602  -10.742 -10.401 1.00 25.60 ? 13 DA  B "O4'" 1 
ATOM   248 C "C3'" . DA  B 1 1  ? 14.471  -8.673  -9.628  1.00 28.33 ? 13 DA  B "C3'" 1 
ATOM   249 O "O3'" . DA  B 1 1  ? 14.618  -7.697  -10.649 1.00 31.10 ? 13 DA  B "O3'" 1 
ATOM   250 C "C2'" . DA  B 1 1  ? 13.024  -8.858  -9.170  1.00 24.90 ? 13 DA  B "C2'" 1 
ATOM   251 C "C1'" . DA  B 1 1  ? 12.495  -9.925  -10.108 1.00 19.55 ? 13 DA  B "C1'" 1 
ATOM   252 N N9    . DA  B 1 1  ? 11.462  -10.838 -9.634  1.00 14.67 ? 13 DA  B N9    1 
ATOM   253 C C8    . DA  B 1 1  ? 11.496  -11.579 -8.494  1.00 14.91 ? 13 DA  B C8    1 
ATOM   254 N N7    . DA  B 1 1  ? 10.469  -12.392 -8.354  1.00 15.97 ? 13 DA  B N7    1 
ATOM   255 C C5    . DA  B 1 1  ? 9.695   -12.151 -9.479  1.00 7.56  ? 13 DA  B C5    1 
ATOM   256 C C6    . DA  B 1 1  ? 8.476   -12.696 -9.908  1.00 5.72  ? 13 DA  B C6    1 
ATOM   257 N N6    . DA  B 1 1  ? 7.809   -13.614 -9.229  1.00 2.00  ? 13 DA  B N6    1 
ATOM   258 N N1    . DA  B 1 1  ? 7.959   -12.254 -11.071 1.00 7.92  ? 13 DA  B N1    1 
ATOM   259 C C2    . DA  B 1 1  ? 8.642   -11.309 -11.755 1.00 14.45 ? 13 DA  B C2    1 
ATOM   260 N N3    . DA  B 1 1  ? 9.806   -10.715 -11.449 1.00 13.29 ? 13 DA  B N3    1 
ATOM   261 C C4    . DA  B 1 1  ? 10.285  -11.187 -10.275 1.00 13.15 ? 13 DA  B C4    1 
ATOM   262 P P     . DC  B 1 2  ? 14.562  -6.146  -10.291 1.00 32.68 ? 14 DC  B P     1 
ATOM   263 O OP1   . DC  B 1 2  ? 15.473  -5.388  -11.209 1.00 28.38 ? 14 DC  B OP1   1 
ATOM   264 O OP2   . DC  B 1 2  ? 14.718  -6.013  -8.821  1.00 33.58 ? 14 DC  B OP2   1 
ATOM   265 O "O5'" . DC  B 1 2  ? 13.059  -5.840  -10.673 1.00 28.12 ? 14 DC  B "O5'" 1 
ATOM   266 C "C5'" . DC  B 1 2  ? 12.577  -6.319  -11.892 1.00 24.15 ? 14 DC  B "C5'" 1 
ATOM   267 C "C4'" . DC  B 1 2  ? 11.089  -6.155  -11.959 1.00 25.68 ? 14 DC  B "C4'" 1 
ATOM   268 O "O4'" . DC  B 1 2  ? 10.440  -7.278  -11.330 1.00 23.24 ? 14 DC  B "O4'" 1 
ATOM   269 C "C3'" . DC  B 1 2  ? 10.513  -4.899  -11.312 1.00 27.51 ? 14 DC  B "C3'" 1 
ATOM   270 O "O3'" . DC  B 1 2  ? 9.809   -4.181  -12.335 1.00 34.79 ? 14 DC  B "O3'" 1 
ATOM   271 C "C2'" . DC  B 1 2  ? 9.564   -5.452  -10.248 1.00 24.81 ? 14 DC  B "C2'" 1 
ATOM   272 C "C1'" . DC  B 1 2  ? 9.228   -6.830  -10.788 1.00 19.30 ? 14 DC  B "C1'" 1 
ATOM   273 N N1    . DC  B 1 2  ? 8.777   -7.842  -9.818  1.00 14.78 ? 14 DC  B N1    1 
ATOM   274 C C2    . DC  B 1 2  ? 7.605   -8.548  -10.075 1.00 14.50 ? 14 DC  B C2    1 
ATOM   275 O O2    . DC  B 1 2  ? 6.973   -8.304  -11.095 1.00 15.56 ? 14 DC  B O2    1 
ATOM   276 N N3    . DC  B 1 2  ? 7.185   -9.484  -9.201  1.00 15.83 ? 14 DC  B N3    1 
ATOM   277 C C4    . DC  B 1 2  ? 7.885   -9.723  -8.099  1.00 18.11 ? 14 DC  B C4    1 
ATOM   278 N N4    . DC  B 1 2  ? 7.418   -10.643 -7.266  1.00 18.96 ? 14 DC  B N4    1 
ATOM   279 C C5    . DC  B 1 2  ? 9.091   -9.025  -7.805  1.00 14.22 ? 14 DC  B C5    1 
ATOM   280 C C6    . DC  B 1 2  ? 9.497   -8.101  -8.687  1.00 15.88 ? 14 DC  B C6    1 
ATOM   281 P P     . DC  B 1 3  ? 9.318   -2.669  -12.076 1.00 38.09 ? 15 DC  B P     1 
ATOM   282 O OP1   . DC  B 1 3  ? 9.550   -1.878  -13.314 1.00 36.88 ? 15 DC  B OP1   1 
ATOM   283 O OP2   . DC  B 1 3  ? 9.919   -2.210  -10.792 1.00 39.31 ? 15 DC  B OP2   1 
ATOM   284 O "O5'" . DC  B 1 3  ? 7.752   -2.893  -11.920 1.00 36.38 ? 15 DC  B "O5'" 1 
ATOM   285 C "C5'" . DC  B 1 3  ? 7.074   -3.651  -12.903 1.00 35.27 ? 15 DC  B "C5'" 1 
ATOM   286 C "C4'" . DC  B 1 3  ? 5.627   -3.836  -12.530 1.00 35.84 ? 15 DC  B "C4'" 1 
ATOM   287 O "O4'" . DC  B 1 3  ? 5.480   -4.978  -11.661 1.00 35.80 ? 15 DC  B "O4'" 1 
ATOM   288 C "C3'" . DC  B 1 3  ? 4.974   -2.657  -11.818 1.00 39.22 ? 15 DC  B "C3'" 1 
ATOM   289 O "O3'" . DC  B 1 3  ? 3.692   -2.446  -12.399 1.00 44.53 ? 15 DC  B "O3'" 1 
ATOM   290 C "C2'" . DC  B 1 3  ? 4.826   -3.146  -10.387 1.00 38.48 ? 15 DC  B "C2'" 1 
ATOM   291 C "C1'" . DC  B 1 3  ? 4.643   -4.644  -10.575 1.00 33.88 ? 15 DC  B "C1'" 1 
ATOM   292 N N1    . DC  B 1 3  ? 5.062   -5.454  -9.417  1.00 28.10 ? 15 DC  B N1    1 
ATOM   293 C C2    . DC  B 1 3  ? 4.282   -6.551  -9.040  1.00 27.61 ? 15 DC  B C2    1 
ATOM   294 O O2    . DC  B 1 3  ? 3.273   -6.823  -9.710  1.00 30.97 ? 15 DC  B O2    1 
ATOM   295 N N3    . DC  B 1 3  ? 4.645   -7.287  -7.960  1.00 26.04 ? 15 DC  B N3    1 
ATOM   296 C C4    . DC  B 1 3  ? 5.745   -6.957  -7.279  1.00 25.75 ? 15 DC  B C4    1 
ATOM   297 N N4    . DC  B 1 3  ? 6.083   -7.700  -6.230  1.00 23.68 ? 15 DC  B N4    1 
ATOM   298 C C5    . DC  B 1 3  ? 6.556   -5.843  -7.651  1.00 24.48 ? 15 DC  B C5    1 
ATOM   299 C C6    . DC  B 1 3  ? 6.185   -5.133  -8.716  1.00 23.60 ? 15 DC  B C6    1 
ATOM   300 P P     . DG  B 1 4  ? 3.054   -0.970  -12.441 1.00 47.26 ? 16 DG  B P     1 
ATOM   301 O OP1   . DG  B 1 4  ? 3.125   -0.475  -13.848 1.00 46.80 ? 16 DG  B OP1   1 
ATOM   302 O OP2   . DG  B 1 4  ? 3.655   -0.163  -11.343 1.00 46.21 ? 16 DG  B OP2   1 
ATOM   303 O "O5'" . DG  B 1 4  ? 1.530   -1.276  -12.119 1.00 42.82 ? 16 DG  B "O5'" 1 
ATOM   304 C "C5'" . DG  B 1 4  ? 0.816   -2.157  -12.966 1.00 39.47 ? 16 DG  B "C5'" 1 
ATOM   305 C "C4'" . DG  B 1 4  ? -0.168  -2.957  -12.153 1.00 38.47 ? 16 DG  B "C4'" 1 
ATOM   306 O "O4'" . DG  B 1 4  ? 0.569   -3.710  -11.162 1.00 39.57 ? 16 DG  B "O4'" 1 
ATOM   307 C "C3'" . DG  B 1 4  ? -1.174  -2.118  -11.380 1.00 38.19 ? 16 DG  B "C3'" 1 
ATOM   308 O "O3'" . DG  B 1 4  ? -2.412  -2.805  -11.361 1.00 41.09 ? 16 DG  B "O3'" 1 
ATOM   309 C "C2'" . DG  B 1 4  ? -0.597  -2.076  -9.980  1.00 37.54 ? 16 DG  B "C2'" 1 
ATOM   310 C "C1'" . DG  B 1 4  ? 0.080   -3.423  -9.867  1.00 34.23 ? 16 DG  B "C1'" 1 
ATOM   311 N N9    . DG  B 1 4  ? 1.206   -3.433  -8.938  1.00 29.41 ? 16 DG  B N9    1 
ATOM   312 C C8    . DG  B 1 4  ? 2.255   -2.541  -8.873  1.00 28.29 ? 16 DG  B C8    1 
ATOM   313 N N7    . DG  B 1 4  ? 3.081   -2.800  -7.894  1.00 26.45 ? 16 DG  B N7    1 
ATOM   314 C C5    . DG  B 1 4  ? 2.549   -3.932  -7.293  1.00 22.30 ? 16 DG  B C5    1 
ATOM   315 C C6    . DG  B 1 4  ? 3.003   -4.669  -6.198  1.00 25.91 ? 16 DG  B C6    1 
ATOM   316 O O6    . DG  B 1 4  ? 4.004   -4.460  -5.487  1.00 30.79 ? 16 DG  B O6    1 
ATOM   317 N N1    . DG  B 1 4  ? 2.170   -5.756  -5.930  1.00 23.51 ? 16 DG  B N1    1 
ATOM   318 C C2    . DG  B 1 4  ? 1.043   -6.076  -6.633  1.00 19.95 ? 16 DG  B C2    1 
ATOM   319 N N2    . DG  B 1 4  ? 0.365   -7.160  -6.221  1.00 14.80 ? 16 DG  B N2    1 
ATOM   320 N N3    . DG  B 1 4  ? 0.608   -5.385  -7.660  1.00 18.77 ? 16 DG  B N3    1 
ATOM   321 C C4    . DG  B 1 4  ? 1.403   -4.336  -7.932  1.00 21.47 ? 16 DG  B C4    1 
ATOM   322 P P     . DG  B 1 5  ? -3.709  -2.086  -10.757 1.00 45.30 ? 17 DG  B P     1 
ATOM   323 O OP1   . DG  B 1 5  ? -4.818  -2.217  -11.752 1.00 44.67 ? 17 DG  B OP1   1 
ATOM   324 O OP2   . DG  B 1 5  ? -3.322  -0.730  -10.244 1.00 39.64 ? 17 DG  B OP2   1 
ATOM   325 O "O5'" . DG  B 1 5  ? -4.052  -3.035  -9.539  1.00 42.93 ? 17 DG  B "O5'" 1 
ATOM   326 C "C5'" . DG  B 1 5  ? -4.251  -4.419  -9.753  1.00 41.53 ? 17 DG  B "C5'" 1 
ATOM   327 C "C4'" . DG  B 1 5  ? -4.527  -5.089  -8.432  1.00 43.07 ? 17 DG  B "C4'" 1 
ATOM   328 O "O4'" . DG  B 1 5  ? -3.347  -5.070  -7.586  1.00 42.06 ? 17 DG  B "O4'" 1 
ATOM   329 C "C3'" . DG  B 1 5  ? -5.611  -4.379  -7.635  1.00 43.35 ? 17 DG  B "C3'" 1 
ATOM   330 O "O3'" . DG  B 1 5  ? -6.380  -5.357  -6.955  1.00 46.27 ? 17 DG  B "O3'" 1 
ATOM   331 C "C2'" . DG  B 1 5  ? -4.832  -3.519  -6.647  1.00 40.62 ? 17 DG  B "C2'" 1 
ATOM   332 C "C1'" . DG  B 1 5  ? -3.621  -4.385  -6.367  1.00 35.43 ? 17 DG  B "C1'" 1 
ATOM   333 N N9    . DG  B 1 5  ? -2.391  -3.705  -5.987  1.00 25.53 ? 17 DG  B N9    1 
ATOM   334 C C8    . DG  B 1 5  ? -1.841  -2.584  -6.564  1.00 23.35 ? 17 DG  B C8    1 
ATOM   335 N N7    . DG  B 1 5  ? -0.683  -2.252  -6.037  1.00 22.37 ? 17 DG  B N7    1 
ATOM   336 C C5    . DG  B 1 5  ? -0.467  -3.210  -5.047  1.00 16.95 ? 17 DG  B C5    1 
ATOM   337 C C6    . DG  B 1 5  ? 0.617   -3.376  -4.142  1.00 14.16 ? 17 DG  B C6    1 
ATOM   338 O O6    . DG  B 1 5  ? 1.651   -2.702  -4.034  1.00 19.49 ? 17 DG  B O6    1 
ATOM   339 N N1    . DG  B 1 5  ? 0.423   -4.460  -3.303  1.00 10.34 ? 17 DG  B N1    1 
ATOM   340 C C2    . DG  B 1 5  ? -0.665  -5.286  -3.328  1.00 16.03 ? 17 DG  B C2    1 
ATOM   341 N N2    . DG  B 1 5  ? -0.659  -6.274  -2.419  1.00 15.10 ? 17 DG  B N2    1 
ATOM   342 N N3    . DG  B 1 5  ? -1.683  -5.158  -4.173  1.00 14.81 ? 17 DG  B N3    1 
ATOM   343 C C4    . DG  B 1 5  ? -1.518  -4.103  -4.995  1.00 18.77 ? 17 DG  B C4    1 
ATOM   344 P P     . DT  B 1 6  ? -7.595  -4.883  -6.040  1.00 51.06 ? 18 DT  B P     1 
ATOM   345 O OP1   . DT  B 1 6  ? -8.691  -5.904  -6.084  1.00 47.06 ? 18 DT  B OP1   1 
ATOM   346 O OP2   . DT  B 1 6  ? -7.859  -3.473  -6.485  1.00 49.57 ? 18 DT  B OP2   1 
ATOM   347 O "O5'" . DT  B 1 6  ? -6.943  -4.905  -4.589  1.00 46.08 ? 18 DT  B "O5'" 1 
ATOM   348 C "C5'" . DT  B 1 6  ? -6.491  -6.131  -4.047  1.00 45.13 ? 18 DT  B "C5'" 1 
ATOM   349 C "C4'" . DT  B 1 6  ? -6.126  -5.959  -2.596  1.00 43.66 ? 18 DT  B "C4'" 1 
ATOM   350 O "O4'" . DT  B 1 6  ? -4.815  -5.365  -2.436  1.00 40.68 ? 18 DT  B "O4'" 1 
ATOM   351 C "C3'" . DT  B 1 6  ? -7.095  -5.065  -1.832  1.00 45.31 ? 18 DT  B "C3'" 1 
ATOM   352 O "O3'" . DT  B 1 6  ? -7.455  -5.678  -0.598  1.00 50.83 ? 18 DT  B "O3'" 1 
ATOM   353 C "C2'" . DT  B 1 6  ? -6.286  -3.809  -1.562  1.00 40.94 ? 18 DT  B "C2'" 1 
ATOM   354 C "C1'" . DT  B 1 6  ? -4.888  -4.366  -1.440  1.00 34.44 ? 18 DT  B "C1'" 1 
ATOM   355 N N1    . DT  B 1 6  ? -3.844  -3.388  -1.716  1.00 26.97 ? 18 DT  B N1    1 
ATOM   356 C C2    . DT  B 1 6  ? -2.754  -3.346  -0.894  1.00 26.28 ? 18 DT  B C2    1 
ATOM   357 O O2    . DT  B 1 6  ? -2.613  -4.090  0.056   1.00 30.30 ? 18 DT  B O2    1 
ATOM   358 N N3    . DT  B 1 6  ? -1.827  -2.395  -1.219  1.00 21.42 ? 18 DT  B N3    1 
ATOM   359 C C4    . DT  B 1 6  ? -1.886  -1.508  -2.268  1.00 24.09 ? 18 DT  B C4    1 
ATOM   360 O O4    . DT  B 1 6  ? -0.975  -0.712  -2.445  1.00 27.63 ? 18 DT  B O4    1 
ATOM   361 C C5    . DT  B 1 6  ? -3.063  -1.611  -3.097  1.00 22.52 ? 18 DT  B C5    1 
ATOM   362 C C7    . DT  B 1 6  ? -3.212  -0.691  -4.266  1.00 15.74 ? 18 DT  B C7    1 
ATOM   363 C C6    . DT  B 1 6  ? -3.971  -2.534  -2.783  1.00 25.27 ? 18 DT  B C6    1 
ATOM   364 P P     . DA  B 1 7  ? -8.525  -4.953  0.362   1.00 55.71 ? 19 DA  B P     1 
ATOM   365 O OP1   . DA  B 1 7  ? -9.560  -5.973  0.737   1.00 54.45 ? 19 DA  B OP1   1 
ATOM   366 O OP2   . DA  B 1 7  ? -8.941  -3.629  -0.246  1.00 51.58 ? 19 DA  B OP2   1 
ATOM   367 O "O5'" . DA  B 1 7  ? -7.652  -4.620  1.641   1.00 49.04 ? 19 DA  B "O5'" 1 
ATOM   368 C "C5'" . DA  B 1 7  ? -6.783  -5.590  2.160   1.00 41.19 ? 19 DA  B "C5'" 1 
ATOM   369 C "C4'" . DA  B 1 7  ? -5.817  -4.941  3.113   1.00 36.61 ? 19 DA  B "C4'" 1 
ATOM   370 O "O4'" . DA  B 1 7  ? -4.880  -4.094  2.393   1.00 32.57 ? 19 DA  B "O4'" 1 
ATOM   371 C "C3'" . DA  B 1 7  ? -6.480  -4.058  4.166   1.00 34.39 ? 19 DA  B "C3'" 1 
ATOM   372 O "O3'" . DA  B 1 7  ? -6.078  -4.530  5.445   1.00 38.47 ? 19 DA  B "O3'" 1 
ATOM   373 C "C2'" . DA  B 1 7  ? -5.930  -2.664  3.880   1.00 31.22 ? 19 DA  B "C2'" 1 
ATOM   374 C "C1'" . DA  B 1 7  ? -4.625  -2.933  3.157   1.00 26.03 ? 19 DA  B "C1'" 1 
ATOM   375 N N9    . DA  B 1 7  ? -4.147  -1.882  2.244   1.00 21.19 ? 19 DA  B N9    1 
ATOM   376 C C8    . DA  B 1 7  ? -4.822  -1.340  1.175   1.00 20.72 ? 19 DA  B C8    1 
ATOM   377 N N7    . DA  B 1 7  ? -4.140  -0.411  0.533   1.00 20.17 ? 19 DA  B N7    1 
ATOM   378 C C5    . DA  B 1 7  ? -2.936  -0.338  1.221   1.00 12.35 ? 19 DA  B C5    1 
ATOM   379 C C6    . DA  B 1 7  ? -1.783  0.460   1.035   1.00 13.76 ? 19 DA  B C6    1 
ATOM   380 N N6    . DA  B 1 7  ? -1.655  1.370   0.069   1.00 10.32 ? 19 DA  B N6    1 
ATOM   381 N N1    . DA  B 1 7  ? -0.751  0.285   1.889   1.00 12.95 ? 19 DA  B N1    1 
ATOM   382 C C2    . DA  B 1 7  ? -0.889  -0.625  2.868   1.00 10.86 ? 19 DA  B C2    1 
ATOM   383 N N3    . DA  B 1 7  ? -1.920  -1.426  3.144   1.00 8.57  ? 19 DA  B N3    1 
ATOM   384 C C4    . DA  B 1 7  ? -2.924  -1.234  2.276   1.00 11.97 ? 19 DA  B C4    1 
ATOM   385 P P     . DC  B 1 8  ? -6.655  -3.852  6.773   1.00 41.43 ? 20 DC  B P     1 
ATOM   386 O OP1   . DC  B 1 8  ? -6.715  -4.913  7.820   1.00 41.76 ? 20 DC  B OP1   1 
ATOM   387 O OP2   . DC  B 1 8  ? -7.890  -3.100  6.426   1.00 43.22 ? 20 DC  B OP2   1 
ATOM   388 O "O5'" . DC  B 1 8  ? -5.497  -2.824  7.116   1.00 38.68 ? 20 DC  B "O5'" 1 
ATOM   389 C "C5'" . DC  B 1 8  ? -4.154  -3.201  6.875   1.00 40.14 ? 20 DC  B "C5'" 1 
ATOM   390 C "C4'" . DC  B 1 8  ? -3.214  -2.248  7.563   1.00 43.31 ? 20 DC  B "C4'" 1 
ATOM   391 O "O4'" . DC  B 1 8  ? -2.641  -1.312  6.617   1.00 42.65 ? 20 DC  B "O4'" 1 
ATOM   392 C "C3'" . DC  B 1 8  ? -3.863  -1.415  8.661   1.00 44.58 ? 20 DC  B "C3'" 1 
ATOM   393 O "O3'" . DC  B 1 8  ? -2.956  -1.354  9.772   1.00 48.97 ? 20 DC  B "O3'" 1 
ATOM   394 C "C2'" . DC  B 1 8  ? -4.085  -0.067  7.982   1.00 42.38 ? 20 DC  B "C2'" 1 
ATOM   395 C "C1'" . DC  B 1 8  ? -2.932  0.021   6.991   1.00 35.06 ? 20 DC  B "C1'" 1 
ATOM   396 N N1    . DC  B 1 8  ? -3.221  0.746   5.748   1.00 25.44 ? 20 DC  B N1    1 
ATOM   397 C C2    . DC  B 1 8  ? -2.238  1.568   5.218   1.00 23.17 ? 20 DC  B C2    1 
ATOM   398 O O2    . DC  B 1 8  ? -1.173  1.670   5.819   1.00 19.44 ? 20 DC  B O2    1 
ATOM   399 N N3    . DC  B 1 8  ? -2.471  2.230   4.062   1.00 20.41 ? 20 DC  B N3    1 
ATOM   400 C C4    . DC  B 1 8  ? -3.642  2.081   3.442   1.00 21.00 ? 20 DC  B C4    1 
ATOM   401 N N4    . DC  B 1 8  ? -3.825  2.736   2.305   1.00 24.63 ? 20 DC  B N4    1 
ATOM   402 C C5    . DC  B 1 8  ? -4.670  1.248   3.965   1.00 19.16 ? 20 DC  B C5    1 
ATOM   403 C C6    . DC  B 1 8  ? -4.420  0.605   5.111   1.00 20.96 ? 20 DC  B C6    1 
ATOM   404 P P     . DC  B 1 9  ? -3.360  -0.546  11.113  1.00 52.81 ? 21 DC  B P     1 
ATOM   405 O OP1   . DC  B 1 9  ? -3.114  -1.415  12.302  1.00 51.35 ? 21 DC  B OP1   1 
ATOM   406 O OP2   . DC  B 1 9  ? -4.708  0.065   10.914  1.00 53.83 ? 21 DC  B OP2   1 
ATOM   407 O "O5'" . DC  B 1 9  ? -2.267  0.615   11.110  1.00 49.01 ? 21 DC  B "O5'" 1 
ATOM   408 C "C5'" . DC  B 1 9  ? -0.935  0.316   10.723  1.00 44.56 ? 21 DC  B "C5'" 1 
ATOM   409 C "C4'" . DC  B 1 9  ? -0.088  1.554   10.835  1.00 42.51 ? 21 DC  B "C4'" 1 
ATOM   410 O "O4'" . DC  B 1 9  ? -0.221  2.394   9.661   1.00 40.94 ? 21 DC  B "O4'" 1 
ATOM   411 C "C3'" . DC  B 1 9  ? -0.485  2.425   12.014  1.00 42.96 ? 21 DC  B "C3'" 1 
ATOM   412 O "O3'" . DC  B 1 9  ? 0.718   3.015   12.500  1.00 45.99 ? 21 DC  B "O3'" 1 
ATOM   413 C "C2'" . DC  B 1 9  ? -1.434  3.445   11.389  1.00 38.96 ? 21 DC  B "C2'" 1 
ATOM   414 C "C1'" . DC  B 1 9  ? -0.863  3.627   9.980   1.00 30.20 ? 21 DC  B "C1'" 1 
ATOM   415 N N1    . DC  B 1 9  ? -1.856  3.858   8.922   1.00 15.04 ? 21 DC  B N1    1 
ATOM   416 C C2    . DC  B 1 9  ? -1.539  4.731   7.884   1.00 11.14 ? 21 DC  B C2    1 
ATOM   417 O O2    . DC  B 1 9  ? -0.443  5.316   7.910   1.00 16.65 ? 21 DC  B O2    1 
ATOM   418 N N3    . DC  B 1 9  ? -2.425  4.923   6.886   1.00 2.27  ? 21 DC  B N3    1 
ATOM   419 C C4    . DC  B 1 9  ? -3.590  4.275   6.908   1.00 4.91  ? 21 DC  B C4    1 
ATOM   420 N N4    . DC  B 1 9  ? -4.443  4.481   5.887   1.00 6.82  ? 21 DC  B N4    1 
ATOM   421 C C5    . DC  B 1 9  ? -3.940  3.386   7.967   1.00 2.08  ? 21 DC  B C5    1 
ATOM   422 C C6    . DC  B 1 9  ? -3.053  3.210   8.940   1.00 3.12  ? 21 DC  B C6    1 
ATOM   423 P P     . DG  B 1 10 ? 0.719   3.781   13.900  1.00 47.37 ? 22 DG  B P     1 
ATOM   424 O OP1   . DG  B 1 10 ? 1.877   3.260   14.685  1.00 45.94 ? 22 DG  B OP1   1 
ATOM   425 O OP2   . DG  B 1 10 ? -0.672  3.721   14.457  1.00 45.71 ? 22 DG  B OP2   1 
ATOM   426 O "O5'" . DG  B 1 10 ? 1.018   5.265   13.440  1.00 42.95 ? 22 DG  B "O5'" 1 
ATOM   427 C "C5'" . DG  B 1 10 ? 2.066   5.514   12.524  1.00 39.62 ? 22 DG  B "C5'" 1 
ATOM   428 C "C4'" . DG  B 1 10 ? 1.900   6.896   11.948  1.00 38.12 ? 22 DG  B "C4'" 1 
ATOM   429 O "O4'" . DG  B 1 10 ? 0.820   6.942   10.985  1.00 35.40 ? 22 DG  B "O4'" 1 
ATOM   430 C "C3'" . DG  B 1 10 ? 1.540   7.912   13.018  1.00 37.12 ? 22 DG  B "C3'" 1 
ATOM   431 O "O3'" . DG  B 1 10 ? 2.175   9.125   12.672  1.00 39.68 ? 22 DG  B "O3'" 1 
ATOM   432 C "C2'" . DG  B 1 10 ? 0.032   8.036   12.884  1.00 35.11 ? 22 DG  B "C2'" 1 
ATOM   433 C "C1'" . DG  B 1 10 ? -0.133  7.905   11.392  1.00 28.59 ? 22 DG  B "C1'" 1 
ATOM   434 N N9    . DG  B 1 10 ? -1.437  7.454   10.925  1.00 19.93 ? 22 DG  B N9    1 
ATOM   435 C C8    . DG  B 1 10 ? -2.305  6.569   11.524  1.00 17.88 ? 22 DG  B C8    1 
ATOM   436 N N7    . DG  B 1 10 ? -3.395  6.373   10.821  1.00 9.31  ? 22 DG  B N7    1 
ATOM   437 C C5    . DG  B 1 10 ? -3.223  7.172   9.696   1.00 5.69  ? 22 DG  B C5    1 
ATOM   438 C C6    . DG  B 1 10 ? -4.054  7.367   8.578   1.00 4.44  ? 22 DG  B C6    1 
ATOM   439 O O6    . DG  B 1 10 ? -5.152  6.843   8.332   1.00 2.94  ? 22 DG  B O6    1 
ATOM   440 N N1    . DG  B 1 10 ? -3.498  8.273   7.683   1.00 2.05  ? 22 DG  B N1    1 
ATOM   441 C C2    . DG  B 1 10 ? -2.282  8.892   7.840   1.00 9.93  ? 22 DG  B C2    1 
ATOM   442 N N2    . DG  B 1 10 ? -1.892  9.742   6.860   1.00 14.31 ? 22 DG  B N2    1 
ATOM   443 N N3    . DG  B 1 10 ? -1.495  8.706   8.870   1.00 8.56  ? 22 DG  B N3    1 
ATOM   444 C C4    . DG  B 1 10 ? -2.025  7.846   9.756   1.00 10.15 ? 22 DG  B C4    1 
ATOM   445 P P     . DG  B 1 11 ? 2.269   10.306  13.745  1.00 41.78 ? 23 DG  B P     1 
ATOM   446 O OP1   . DG  B 1 11 ? 3.700   10.400  14.186  1.00 39.84 ? 23 DG  B OP1   1 
ATOM   447 O OP2   . DG  B 1 11 ? 1.195   10.067  14.763  1.00 38.03 ? 23 DG  B OP2   1 
ATOM   448 O "O5'" . DG  B 1 11 ? 1.964   11.566  12.819  1.00 34.31 ? 23 DG  B "O5'" 1 
ATOM   449 C "C5'" . DG  B 1 11 ? 2.865   11.879  11.760  1.00 28.88 ? 23 DG  B "C5'" 1 
ATOM   450 C "C4'" . DG  B 1 11 ? 2.206   12.800  10.768  1.00 26.34 ? 23 DG  B "C4'" 1 
ATOM   451 O "O4'" . DG  B 1 11 ? 1.006   12.143  10.306  1.00 25.95 ? 23 DG  B "O4'" 1 
ATOM   452 C "C3'" . DG  B 1 11 ? 1.748   14.133  11.340  1.00 26.60 ? 23 DG  B "C3'" 1 
ATOM   453 O "O3'" . DG  B 1 11 ? 1.988   15.169  10.397  1.00 30.23 ? 23 DG  B "O3'" 1 
ATOM   454 C "C2'" . DG  B 1 11 ? 0.255   13.949  11.563  1.00 24.01 ? 23 DG  B "C2'" 1 
ATOM   455 C "C1'" . DG  B 1 11 ? -0.120  12.970  10.479  1.00 17.21 ? 23 DG  B "C1'" 1 
ATOM   456 N N9    . DG  B 1 11 ? -1.248  12.097  10.765  1.00 11.47 ? 23 DG  B N9    1 
ATOM   457 C C8    . DG  B 1 11 ? -1.414  11.240  11.834  1.00 9.08  ? 23 DG  B C8    1 
ATOM   458 N N7    . DG  B 1 11 ? -2.548  10.577  11.775  1.00 6.40  ? 23 DG  B N7    1 
ATOM   459 C C5    . DG  B 1 11 ? -3.160  11.034  10.607  1.00 2.59  ? 23 DG  B C5    1 
ATOM   460 C C6    . DG  B 1 11 ? -4.416  10.691  10.005  1.00 2.12  ? 23 DG  B C6    1 
ATOM   461 O O6    . DG  B 1 11 ? -5.268  9.892   10.394  1.00 2.88  ? 23 DG  B O6    1 
ATOM   462 N N1    . DG  B 1 11 ? -4.639  11.394  8.837   1.00 2.45  ? 23 DG  B N1    1 
ATOM   463 C C2    . DG  B 1 11 ? -3.774  12.313  8.299   1.00 9.25  ? 23 DG  B C2    1 
ATOM   464 N N2    . DG  B 1 11 ? -4.168  12.926  7.134   1.00 3.76  ? 23 DG  B N2    1 
ATOM   465 N N3    . DG  B 1 11 ? -2.601  12.628  8.842   1.00 7.97  ? 23 DG  B N3    1 
ATOM   466 C C4    . DG  B 1 11 ? -2.368  11.964  9.981   1.00 4.91  ? 23 DG  B C4    1 
ATOM   467 P P     . DT  B 1 12 ? 1.873   16.695  10.877  1.00 35.49 ? 24 DT  B P     1 
ATOM   468 O OP1   . DT  B 1 12 ? 2.904   17.539  10.191  1.00 33.30 ? 24 DT  B OP1   1 
ATOM   469 O OP2   . DT  B 1 12 ? 1.875   16.580  12.364  1.00 33.68 ? 24 DT  B OP2   1 
ATOM   470 O "O5'" . DT  B 1 12 ? 0.423   17.133  10.354  1.00 30.42 ? 24 DT  B "O5'" 1 
ATOM   471 C "C5'" . DT  B 1 12 ? 0.172   17.218  8.959   1.00 27.05 ? 24 DT  B "C5'" 1 
ATOM   472 C "C4'" . DT  B 1 12 ? -1.306  17.370  8.670   1.00 25.22 ? 24 DT  B "C4'" 1 
ATOM   473 O "O4'" . DT  B 1 12 ? -2.028  16.198  9.100   1.00 22.25 ? 24 DT  B "O4'" 1 
ATOM   474 C "C3'" . DT  B 1 12 ? -2.042  18.558  9.292   1.00 26.18 ? 24 DT  B "C3'" 1 
ATOM   475 O "O3'" . DT  B 1 12 ? -2.268  19.703  8.430   1.00 26.02 ? 24 DT  B "O3'" 1 
ATOM   476 C "C2'" . DT  B 1 12 ? -3.297  17.951  9.903   1.00 23.67 ? 24 DT  B "C2'" 1 
ATOM   477 C "C1'" . DT  B 1 12 ? -3.371  16.569  9.293   1.00 16.17 ? 24 DT  B "C1'" 1 
ATOM   478 N N1    . DT  B 1 12 ? -3.985  15.588  10.200  1.00 12.46 ? 24 DT  B N1    1 
ATOM   479 C C2    . DT  B 1 12 ? -5.198  15.063  9.838   1.00 12.31 ? 24 DT  B C2    1 
ATOM   480 O O2    . DT  B 1 12 ? -5.763  15.381  8.805   1.00 17.48 ? 24 DT  B O2    1 
ATOM   481 N N3    . DT  B 1 12 ? -5.729  14.160  10.727  1.00 7.48  ? 24 DT  B N3    1 
ATOM   482 C C4    . DT  B 1 12 ? -5.176  13.751  11.919  1.00 10.05 ? 24 DT  B C4    1 
ATOM   483 O O4    . DT  B 1 12 ? -5.774  12.944  12.625  1.00 9.04  ? 24 DT  B O4    1 
ATOM   484 C C5    . DT  B 1 12 ? -3.891  14.345  12.241  1.00 8.38  ? 24 DT  B C5    1 
ATOM   485 C C7    . DT  B 1 12 ? -3.204  13.959  13.512  1.00 5.42  ? 24 DT  B C7    1 
ATOM   486 C C6    . DT  B 1 12 ? -3.369  15.216  11.372  1.00 7.48  ? 24 DT  B C6    1 
HETATM 487 O O     . HOH C 2 .  ? 5.040   -12.352 -3.262  1.00 25.00 ? 25 HOH A O     1 
HETATM 488 O O     . HOH C 2 .  ? -4.624  6.528   -0.440  1.00 21.73 ? 27 HOH A O     1 
HETATM 489 O O     . HOH C 2 .  ? -3.398  8.121   -1.926  1.00 29.94 ? 30 HOH A O     1 
HETATM 490 O O     . HOH D 2 .  ? 4.907   -1.812  -6.257  1.00 2.00  ? 26 HOH B O     1 
HETATM 491 O O     . HOH D 2 .  ? -5.719  5.714   11.055  1.00 15.97 ? 28 HOH B O     1 
HETATM 492 O O     . HOH D 2 .  ? -3.086  9.031   13.493  1.00 17.94 ? 29 HOH B O     1 
HETATM 493 O O     . HOH D 2 .  ? -2.037  14.388  6.613   1.00 16.67 ? 31 HOH B O     1 
HETATM 494 O O     . HOH D 2 .  ? 4.382   20.113  9.062   1.00 21.08 ? 32 HOH B O     1 
# 
